data_6NOB
#
_entry.id   6NOB
#
_cell.length_a   130.903
_cell.length_b   130.903
_cell.length_c   132.937
_cell.angle_alpha   90.000
_cell.angle_beta   90.000
_cell.angle_gamma   120.000
#
_symmetry.space_group_name_H-M   'P 31 2 1'
#
loop_
_entity.id
_entity.type
_entity.pdbx_description
1 polymer Beta-fructofuranosidase
2 non-polymer 1,2-ETHANEDIOL
3 non-polymer DI(HYDROXYETHYL)ETHER
4 water water
#
_entity_poly.entity_id   1
_entity_poly.type   'polypeptide(L)'
_entity_poly.pdbx_seq_one_letter_code
;MSNTYSISVETGGYRQLDLFAERCGEGNAVVTVADGNGVAIAAHTMPIAERRHHFSIAVPQKSTVTVAASGLVVRFGYLS
ECDDLLDNGVRYVNMNPSDTDWPAQPTLEQIYNRFGRSGAHFEPFARWMNDPNGLCQFQGRYHLFFQLNPYGFGWDNMHW
GHAVSRDLVHWTHLPVFLEPQPELHTDERIVGGAFSGSAVTVDEHDNPVAGNEANAIRLYLTRHLETRGDESSVTEYQTT
CLCEDGVHVRVESPVALRANDDFGYDFRDPKVECGMGGEALDPDRAYMVTATNLPVSEFGADAADSAVPGISTQNTGGWF
TYSPQGKPGVDQPNNATVPAMTLFSAKKPLKRNVTWRYEGPVLADFGHQIARTYECPDLFQVDGVTVAVGALMHYRDKQG
RFQQVRWYAGDLVNTDNGPKLDVKASDWCDFGTGYYATQSFADDNGRRIVFGWFTDFPEMRVEQPCLANGMMSLPRELHV
RDGRLYSKPVSEVYRELLGERLAVHGDGGDMVVTAPGNAYYANVHLADDADAIMVLAKGVNPQDGRPTELLLQRTDGVTR
LVAKGTAVEDVDFDSGITDVRQVEVFFDRNVVEVFLNGGQTAGSMLFQGADGDGELRIASSGKIDAVDARALNGIWR
;
_entity_poly.pdbx_strand_id   A
#
# COMPACT_ATOMS: atom_id res chain seq x y z
N THR A 4 -11.42 14.39 -32.70
CA THR A 4 -11.53 12.94 -32.80
C THR A 4 -10.15 12.29 -32.70
N TYR A 5 -9.91 11.56 -31.62
CA TYR A 5 -8.66 10.87 -31.37
C TYR A 5 -8.79 9.40 -31.79
N SER A 6 -7.75 8.87 -32.43
CA SER A 6 -7.83 7.56 -33.04
C SER A 6 -6.52 6.79 -32.82
N ILE A 7 -6.65 5.48 -32.55
CA ILE A 7 -5.52 4.58 -32.42
C ILE A 7 -5.83 3.26 -33.10
N SER A 8 -4.78 2.48 -33.35
CA SER A 8 -4.90 1.14 -33.92
C SER A 8 -4.41 0.11 -32.91
N VAL A 9 -5.15 -0.99 -32.81
CA VAL A 9 -4.92 -1.99 -31.76
C VAL A 9 -5.00 -3.38 -32.37
N GLU A 10 -3.98 -4.22 -32.09
CA GLU A 10 -4.00 -5.62 -32.47
C GLU A 10 -4.49 -6.44 -31.29
N THR A 11 -5.57 -7.19 -31.50
CA THR A 11 -6.26 -7.83 -30.38
C THR A 11 -5.60 -9.11 -29.92
N GLY A 12 -4.94 -9.83 -30.83
CA GLY A 12 -4.34 -11.10 -30.45
C GLY A 12 -5.40 -12.08 -29.99
N GLY A 13 -5.17 -12.70 -28.84
CA GLY A 13 -6.12 -13.63 -28.27
C GLY A 13 -7.16 -13.00 -27.36
N TYR A 14 -7.17 -11.67 -27.25
CA TYR A 14 -8.08 -10.99 -26.35
C TYR A 14 -9.42 -10.73 -27.03
N ARG A 15 -10.48 -10.66 -26.21
CA ARG A 15 -11.84 -10.54 -26.70
C ARG A 15 -12.52 -9.25 -26.26
N GLN A 16 -11.86 -8.42 -25.46
CA GLN A 16 -12.52 -7.29 -24.83
C GLN A 16 -11.55 -6.13 -24.71
N LEU A 17 -12.04 -4.92 -24.97
CA LEU A 17 -11.25 -3.70 -24.87
C LEU A 17 -11.88 -2.81 -23.80
N ASP A 18 -11.10 -2.50 -22.77
CA ASP A 18 -11.57 -1.69 -21.65
C ASP A 18 -10.98 -0.29 -21.74
N LEU A 19 -11.83 0.72 -21.66
CA LEU A 19 -11.41 2.11 -21.73
C LEU A 19 -12.05 2.90 -20.60
N PHE A 20 -11.22 3.64 -19.87
CA PHE A 20 -11.69 4.53 -18.80
C PHE A 20 -11.65 5.95 -19.35
N ALA A 21 -12.81 6.47 -19.71
CA ALA A 21 -12.92 7.71 -20.46
C ALA A 21 -13.51 8.83 -19.61
N GLU A 22 -13.05 10.05 -19.89
CA GLU A 22 -13.53 11.25 -19.23
C GLU A 22 -14.21 12.13 -20.27
N ARG A 23 -15.42 12.61 -19.94
CA ARG A 23 -16.11 13.52 -20.84
C ARG A 23 -15.33 14.82 -20.98
N CYS A 24 -15.06 15.22 -22.21
CA CYS A 24 -14.30 16.43 -22.51
CA CYS A 24 -14.30 16.44 -22.48
C CYS A 24 -15.11 17.52 -23.17
N GLY A 25 -16.17 17.16 -23.91
CA GLY A 25 -17.00 18.10 -24.60
C GLY A 25 -18.36 18.28 -23.95
N GLU A 26 -19.27 18.88 -24.70
CA GLU A 26 -20.62 19.18 -24.21
C GLU A 26 -21.65 18.15 -24.67
N GLY A 27 -21.62 17.75 -25.93
CA GLY A 27 -22.63 16.87 -26.48
C GLY A 27 -22.30 15.39 -26.39
N ASN A 28 -22.49 14.68 -27.50
CA ASN A 28 -22.32 13.23 -27.52
C ASN A 28 -20.86 12.84 -27.33
N ALA A 29 -20.61 11.95 -26.36
CA ALA A 29 -19.30 11.37 -26.14
C ALA A 29 -19.35 9.92 -26.59
N VAL A 30 -18.60 9.58 -27.64
CA VAL A 30 -18.73 8.30 -28.32
C VAL A 30 -17.37 7.62 -28.45
N VAL A 31 -17.39 6.30 -28.38
CA VAL A 31 -16.27 5.45 -28.74
C VAL A 31 -16.75 4.46 -29.79
N THR A 32 -15.97 4.30 -30.85
CA THR A 32 -16.31 3.35 -31.91
C THR A 32 -15.10 2.49 -32.24
N VAL A 33 -15.39 1.32 -32.80
CA VAL A 33 -14.38 0.38 -33.26
C VAL A 33 -14.71 0.00 -34.69
N ALA A 34 -13.68 -0.07 -35.53
CA ALA A 34 -13.83 -0.44 -36.93
C ALA A 34 -12.77 -1.47 -37.30
N ASP A 35 -13.09 -2.32 -38.27
CA ASP A 35 -12.18 -3.39 -38.65
C ASP A 35 -11.11 -2.83 -39.60
N GLY A 36 -10.31 -3.74 -40.17
CA GLY A 36 -9.18 -3.31 -40.99
C GLY A 36 -9.58 -2.52 -42.22
N ASN A 37 -10.77 -2.80 -42.77
CA ASN A 37 -11.23 -2.12 -43.97
C ASN A 37 -12.12 -0.92 -43.67
N GLY A 38 -12.27 -0.54 -42.40
CA GLY A 38 -13.11 0.57 -42.03
C GLY A 38 -14.55 0.21 -41.71
N VAL A 39 -14.91 -1.07 -41.74
CA VAL A 39 -16.26 -1.48 -41.41
C VAL A 39 -16.47 -1.36 -39.91
N ALA A 40 -17.57 -0.73 -39.51
CA ALA A 40 -17.84 -0.49 -38.10
C ALA A 40 -18.04 -1.80 -37.36
N ILE A 41 -17.41 -1.93 -36.20
CA ILE A 41 -17.55 -3.08 -35.34
C ILE A 41 -18.45 -2.79 -34.13
N ALA A 42 -18.26 -1.62 -33.51
CA ALA A 42 -19.00 -1.28 -32.31
C ALA A 42 -19.13 0.23 -32.20
N ALA A 43 -20.20 0.67 -31.54
CA ALA A 43 -20.42 2.09 -31.25
C ALA A 43 -21.02 2.21 -29.86
N HIS A 44 -20.32 2.90 -28.97
CA HIS A 44 -20.75 3.08 -27.59
C HIS A 44 -20.86 4.56 -27.27
N THR A 45 -21.84 4.90 -26.44
CA THR A 45 -22.05 6.28 -26.02
C THR A 45 -21.96 6.36 -24.51
N MET A 46 -21.21 7.33 -24.01
CA MET A 46 -21.18 7.58 -22.59
C MET A 46 -22.56 8.03 -22.12
N PRO A 47 -23.10 7.47 -21.05
CA PRO A 47 -24.41 7.90 -20.56
C PRO A 47 -24.42 9.39 -20.28
N ILE A 48 -25.57 10.03 -20.55
CA ILE A 48 -25.65 11.49 -20.54
C ILE A 48 -25.22 12.05 -19.20
N ALA A 49 -25.69 11.46 -18.10
CA ALA A 49 -25.47 12.04 -16.78
C ALA A 49 -24.05 11.86 -16.27
N GLU A 50 -23.24 11.03 -16.93
CA GLU A 50 -21.92 10.67 -16.42
C GLU A 50 -20.83 11.52 -17.06
N ARG A 51 -19.87 11.97 -16.24
CA ARG A 51 -18.69 12.65 -16.74
C ARG A 51 -17.50 11.72 -16.91
N ARG A 52 -17.55 10.53 -16.32
CA ARG A 52 -16.55 9.48 -16.52
C ARG A 52 -17.28 8.15 -16.67
N HIS A 53 -16.72 7.28 -17.49
CA HIS A 53 -17.36 5.98 -17.74
C HIS A 53 -16.30 4.96 -18.11
N HIS A 54 -16.47 3.74 -17.59
CA HIS A 54 -15.63 2.61 -17.92
C HIS A 54 -16.31 1.81 -19.02
N PHE A 55 -15.76 1.86 -20.23
CA PHE A 55 -16.28 1.10 -21.37
C PHE A 55 -15.66 -0.28 -21.40
N SER A 56 -16.48 -1.27 -21.74
CA SER A 56 -16.01 -2.64 -22.01
C SER A 56 -16.61 -3.05 -23.34
N ILE A 57 -15.78 -3.11 -24.38
CA ILE A 57 -16.23 -3.28 -25.75
C ILE A 57 -15.72 -4.62 -26.28
N ALA A 58 -16.62 -5.41 -26.85
CA ALA A 58 -16.24 -6.66 -27.48
C ALA A 58 -15.47 -6.39 -28.76
N VAL A 59 -14.33 -7.05 -28.91
CA VAL A 59 -13.49 -6.91 -30.10
C VAL A 59 -13.18 -8.30 -30.64
N PRO A 60 -13.02 -8.47 -31.95
CA PRO A 60 -12.69 -9.79 -32.50
C PRO A 60 -11.23 -10.15 -32.28
N GLN A 61 -10.99 -11.43 -32.09
CA GLN A 61 -9.64 -11.93 -31.90
C GLN A 61 -8.84 -11.85 -33.19
N LYS A 62 -7.52 -11.80 -33.03
CA LYS A 62 -6.56 -11.90 -34.14
C LYS A 62 -6.85 -10.86 -35.22
N SER A 63 -7.11 -9.63 -34.80
CA SER A 63 -7.53 -8.58 -35.71
C SER A 63 -6.87 -7.26 -35.35
N THR A 64 -6.66 -6.44 -36.37
CA THR A 64 -6.21 -5.06 -36.19
C THR A 64 -7.43 -4.16 -36.34
N VAL A 65 -7.81 -3.50 -35.25
CA VAL A 65 -9.00 -2.67 -35.22
C VAL A 65 -8.59 -1.22 -34.95
N THR A 66 -9.47 -0.30 -35.34
CA THR A 66 -9.27 1.12 -35.16
C THR A 66 -10.24 1.63 -34.10
N VAL A 67 -9.71 2.25 -33.05
CA VAL A 67 -10.51 2.77 -31.94
C VAL A 67 -10.57 4.29 -32.08
N ALA A 68 -11.79 4.83 -32.05
CA ALA A 68 -12.01 6.25 -32.28
C ALA A 68 -12.77 6.85 -31.11
N ALA A 69 -12.28 7.99 -30.61
CA ALA A 69 -12.92 8.72 -29.53
C ALA A 69 -13.35 10.10 -30.04
N SER A 70 -14.50 10.56 -29.57
CA SER A 70 -14.97 11.90 -29.87
C SER A 70 -15.85 12.38 -28.73
N GLY A 71 -15.59 13.58 -28.24
CA GLY A 71 -16.29 14.10 -27.09
C GLY A 71 -15.81 13.57 -25.76
N LEU A 72 -14.75 12.75 -25.76
CA LEU A 72 -14.20 12.23 -24.53
C LEU A 72 -12.70 12.03 -24.70
N VAL A 73 -12.05 11.66 -23.61
CA VAL A 73 -10.61 11.39 -23.61
C VAL A 73 -10.35 10.19 -22.70
N VAL A 74 -9.53 9.27 -23.17
CA VAL A 74 -9.23 8.05 -22.43
C VAL A 74 -7.98 8.26 -21.61
N ARG A 75 -8.02 7.85 -20.33
CA ARG A 75 -6.87 7.95 -19.45
C ARG A 75 -6.22 6.62 -19.13
N PHE A 76 -6.91 5.51 -19.40
CA PHE A 76 -6.47 4.19 -18.96
C PHE A 76 -7.22 3.16 -19.78
N GLY A 77 -6.51 2.12 -20.21
CA GLY A 77 -7.13 1.10 -21.04
C GLY A 77 -6.32 -0.17 -21.06
N TYR A 78 -6.98 -1.26 -21.45
CA TYR A 78 -6.30 -2.54 -21.58
C TYR A 78 -7.19 -3.51 -22.35
N LEU A 79 -6.54 -4.49 -22.99
CA LEU A 79 -7.22 -5.65 -23.54
C LEU A 79 -7.36 -6.71 -22.45
N SER A 80 -8.48 -7.44 -22.50
CA SER A 80 -8.76 -8.42 -21.45
C SER A 80 -9.62 -9.55 -22.04
N GLU A 81 -9.98 -10.49 -21.17
CA GLU A 81 -10.85 -11.62 -21.51
C GLU A 81 -10.21 -12.55 -22.55
N CYS A 82 -8.92 -12.79 -22.41
CA CYS A 82 -8.24 -13.83 -23.16
C CYS A 82 -8.44 -15.18 -22.46
N ASP A 83 -7.95 -16.23 -23.10
CA ASP A 83 -7.89 -17.53 -22.43
C ASP A 83 -6.86 -17.47 -21.31
N ASP A 84 -7.20 -18.07 -20.18
CA ASP A 84 -6.30 -18.16 -19.02
C ASP A 84 -5.85 -16.75 -18.59
N LEU A 85 -6.84 -15.93 -18.24
CA LEU A 85 -6.58 -14.55 -17.86
C LEU A 85 -5.67 -14.47 -16.65
N LEU A 86 -5.79 -15.42 -15.71
CA LEU A 86 -4.97 -15.40 -14.51
C LEU A 86 -3.49 -15.58 -14.82
N ASP A 87 -3.17 -16.29 -15.91
CA ASP A 87 -1.78 -16.53 -16.26
C ASP A 87 -1.25 -15.52 -17.27
N ASN A 88 -2.09 -15.07 -18.20
CA ASN A 88 -1.64 -14.12 -19.21
C ASN A 88 -1.83 -12.67 -18.78
N GLY A 89 -2.88 -12.39 -18.03
CA GLY A 89 -3.16 -11.03 -17.61
C GLY A 89 -3.65 -10.16 -18.75
N VAL A 90 -3.89 -8.89 -18.42
CA VAL A 90 -4.34 -7.90 -19.39
C VAL A 90 -3.12 -7.33 -20.11
N ARG A 91 -3.35 -6.65 -21.23
CA ARG A 91 -2.31 -5.94 -21.96
C ARG A 91 -2.73 -4.49 -22.08
N TYR A 92 -1.86 -3.58 -21.62
CA TYR A 92 -2.21 -2.18 -21.56
C TYR A 92 -2.45 -1.60 -22.95
N VAL A 93 -3.43 -0.71 -23.06
CA VAL A 93 -3.74 0.02 -24.28
C VAL A 93 -3.63 1.50 -23.97
N ASN A 94 -2.83 2.21 -24.75
CA ASN A 94 -2.57 3.64 -24.52
C ASN A 94 -3.41 4.45 -25.51
N MET A 95 -4.50 5.03 -25.01
CA MET A 95 -5.30 5.98 -25.78
C MET A 95 -5.31 7.35 -25.12
N ASN A 96 -4.33 7.62 -24.26
CA ASN A 96 -4.22 8.91 -23.59
C ASN A 96 -3.41 9.87 -24.47
N PRO A 97 -4.01 10.95 -24.97
CA PRO A 97 -3.25 11.89 -25.82
C PRO A 97 -2.07 12.53 -25.11
N SER A 98 -2.03 12.50 -23.78
CA SER A 98 -0.91 13.07 -23.04
C SER A 98 0.27 12.11 -22.93
N ASP A 99 0.03 10.80 -23.04
CA ASP A 99 1.10 9.80 -22.96
C ASP A 99 1.69 9.59 -24.35
N THR A 100 2.43 10.60 -24.82
CA THR A 100 2.96 10.58 -26.18
C THR A 100 4.22 9.74 -26.31
N ASP A 101 4.97 9.52 -25.22
CA ASP A 101 6.15 8.68 -25.30
C ASP A 101 5.82 7.21 -25.46
N TRP A 102 4.55 6.82 -25.39
CA TRP A 102 4.14 5.45 -25.58
C TRP A 102 3.36 5.28 -26.88
N PRO A 103 3.55 4.17 -27.60
CA PRO A 103 2.65 3.84 -28.70
C PRO A 103 1.31 3.35 -28.18
N ALA A 104 0.44 2.87 -29.08
CA ALA A 104 -0.89 2.43 -28.66
C ALA A 104 -0.80 1.22 -27.73
N GLN A 105 0.15 0.32 -27.98
CA GLN A 105 0.32 -0.90 -27.21
C GLN A 105 1.79 -1.02 -26.80
N PRO A 106 2.19 -0.31 -25.74
CA PRO A 106 3.60 -0.34 -25.33
C PRO A 106 3.95 -1.63 -24.61
N THR A 107 5.19 -2.06 -24.81
CA THR A 107 5.71 -3.24 -24.13
C THR A 107 5.94 -2.93 -22.64
N LEU A 108 6.16 -3.99 -21.86
CA LEU A 108 6.50 -3.82 -20.46
C LEU A 108 7.78 -3.02 -20.31
N GLU A 109 8.74 -3.25 -21.20
CA GLU A 109 9.97 -2.46 -21.19
C GLU A 109 9.66 -0.98 -21.40
N GLN A 110 8.78 -0.66 -22.36
CA GLN A 110 8.43 0.73 -22.61
C GLN A 110 7.64 1.34 -21.46
N ILE A 111 6.87 0.53 -20.73
CA ILE A 111 6.02 1.08 -19.67
C ILE A 111 6.85 1.38 -18.42
N TYR A 112 7.77 0.49 -18.06
CA TYR A 112 8.42 0.56 -16.75
C TYR A 112 9.87 1.03 -16.77
N ASN A 113 10.59 0.84 -17.87
CA ASN A 113 12.00 1.22 -17.92
C ASN A 113 12.13 2.69 -18.27
N ARG A 114 11.78 3.53 -17.30
CA ARG A 114 11.81 4.98 -17.46
C ARG A 114 12.29 5.64 -16.17
N PHE A 115 13.04 6.73 -16.33
CA PHE A 115 13.47 7.51 -15.18
C PHE A 115 12.27 7.95 -14.36
N GLY A 116 12.35 7.78 -13.04
CA GLY A 116 11.24 8.04 -12.15
C GLY A 116 10.48 6.82 -11.73
N ARG A 117 10.78 5.65 -12.29
CA ARG A 117 10.14 4.40 -11.91
C ARG A 117 11.14 3.48 -11.21
N SER A 118 10.63 2.63 -10.34
CA SER A 118 11.45 1.61 -9.71
C SER A 118 11.56 0.40 -10.64
N GLY A 119 12.52 -0.46 -10.36
CA GLY A 119 12.76 -1.63 -11.18
C GLY A 119 12.19 -2.93 -10.64
N ALA A 120 11.99 -3.01 -9.32
CA ALA A 120 11.61 -4.26 -8.68
C ALA A 120 10.42 -4.15 -7.72
N HIS A 121 9.84 -2.97 -7.55
CA HIS A 121 8.66 -2.80 -6.73
C HIS A 121 7.42 -2.75 -7.62
N PHE A 122 6.29 -3.21 -7.08
CA PHE A 122 5.06 -3.19 -7.86
C PHE A 122 4.59 -1.76 -8.07
N GLU A 123 4.24 -1.43 -9.31
CA GLU A 123 3.62 -0.19 -9.69
C GLU A 123 2.57 -0.49 -10.75
N PRO A 124 1.49 0.28 -10.82
CA PRO A 124 0.56 0.12 -11.94
C PRO A 124 1.20 0.64 -13.23
N PHE A 125 0.52 0.36 -14.35
CA PHE A 125 0.99 0.85 -15.64
C PHE A 125 1.23 2.35 -15.60
N ALA A 126 0.27 3.10 -15.08
CA ALA A 126 0.35 4.54 -14.95
C ALA A 126 -0.72 4.97 -13.95
N ARG A 127 -0.92 6.29 -13.83
CA ARG A 127 -1.93 6.88 -12.95
C ARG A 127 -1.62 6.61 -11.48
N TRP A 128 -2.64 6.69 -10.61
CA TRP A 128 -2.45 6.75 -9.17
C TRP A 128 -2.81 5.42 -8.51
N MET A 129 -2.03 5.07 -7.48
CA MET A 129 -2.30 3.90 -6.65
C MET A 129 -1.90 4.20 -5.21
N ASN A 130 -2.72 3.76 -4.25
CA ASN A 130 -2.25 3.76 -2.86
C ASN A 130 -2.40 2.39 -2.19
N ASP A 131 -3.31 2.26 -1.22
CA ASP A 131 -3.26 1.17 -0.24
C ASP A 131 -3.29 -0.20 -0.93
N PRO A 132 -2.53 -1.17 -0.42
CA PRO A 132 -2.77 -2.56 -0.83
C PRO A 132 -4.01 -3.12 -0.16
N ASN A 133 -4.78 -3.90 -0.91
CA ASN A 133 -6.05 -4.45 -0.42
C ASN A 133 -6.15 -5.94 -0.72
N GLY A 134 -7.01 -6.60 0.05
CA GLY A 134 -7.42 -7.96 -0.27
C GLY A 134 -6.28 -8.96 -0.36
N LEU A 135 -5.28 -8.82 0.51
CA LEU A 135 -4.13 -9.70 0.46
C LEU A 135 -4.51 -11.12 0.89
N CYS A 136 -4.13 -12.10 0.09
CA CYS A 136 -4.42 -13.49 0.38
C CYS A 136 -3.63 -14.38 -0.57
N GLN A 137 -3.50 -15.64 -0.18
CA GLN A 137 -3.10 -16.71 -1.09
C GLN A 137 -4.36 -17.47 -1.47
N PHE A 138 -4.63 -17.57 -2.77
CA PHE A 138 -5.87 -18.17 -3.26
C PHE A 138 -5.56 -19.11 -4.41
N GLN A 139 -5.85 -20.40 -4.22
CA GLN A 139 -5.68 -21.42 -5.25
C GLN A 139 -4.29 -21.35 -5.88
N GLY A 140 -3.28 -21.31 -5.01
CA GLY A 140 -1.90 -21.36 -5.44
C GLY A 140 -1.27 -20.04 -5.80
N ARG A 141 -2.03 -18.94 -5.83
CA ARG A 141 -1.52 -17.65 -6.25
C ARG A 141 -1.66 -16.63 -5.12
N TYR A 142 -0.73 -15.69 -5.08
CA TYR A 142 -0.83 -14.53 -4.21
C TYR A 142 -1.58 -13.42 -4.93
N HIS A 143 -2.58 -12.84 -4.27
CA HIS A 143 -3.44 -11.84 -4.87
C HIS A 143 -3.18 -10.49 -4.22
N LEU A 144 -2.93 -9.48 -5.05
CA LEU A 144 -2.70 -8.12 -4.60
C LEU A 144 -3.74 -7.21 -5.24
N PHE A 145 -4.66 -6.70 -4.43
CA PHE A 145 -5.54 -5.62 -4.85
C PHE A 145 -4.98 -4.31 -4.34
N PHE A 146 -5.44 -3.20 -4.91
CA PHE A 146 -4.92 -1.92 -4.48
C PHE A 146 -5.87 -0.79 -4.84
N GLN A 147 -5.89 0.22 -3.96
CA GLN A 147 -6.58 1.46 -4.22
C GLN A 147 -6.03 2.11 -5.49
N LEU A 148 -6.93 2.55 -6.37
CA LEU A 148 -6.52 2.96 -7.70
C LEU A 148 -7.40 4.11 -8.20
N ASN A 149 -6.77 5.09 -8.83
CA ASN A 149 -7.47 6.11 -9.61
C ASN A 149 -6.94 6.08 -11.03
N PRO A 150 -7.69 5.56 -12.00
CA PRO A 150 -7.18 5.46 -13.37
C PRO A 150 -7.30 6.73 -14.20
N TYR A 151 -7.73 7.84 -13.61
CA TYR A 151 -8.00 9.05 -14.38
C TYR A 151 -6.97 10.16 -14.19
N GLY A 152 -6.01 10.00 -13.30
CA GLY A 152 -5.07 11.08 -13.06
C GLY A 152 -3.89 10.65 -12.22
N PHE A 153 -3.06 11.64 -11.89
CA PHE A 153 -1.83 11.43 -11.14
C PHE A 153 -2.01 11.54 -9.63
N GLY A 154 -3.11 12.14 -9.17
CA GLY A 154 -3.40 12.26 -7.76
C GLY A 154 -4.52 11.34 -7.32
N TRP A 155 -4.86 11.45 -6.04
CA TRP A 155 -5.96 10.67 -5.50
C TRP A 155 -7.28 11.17 -6.06
N ASP A 156 -8.21 10.25 -6.27
CA ASP A 156 -9.55 10.57 -6.76
C ASP A 156 -10.48 9.44 -6.36
N ASN A 157 -11.69 9.43 -6.96
CA ASN A 157 -12.68 8.40 -6.64
C ASN A 157 -12.08 7.01 -6.81
N MET A 158 -12.24 6.19 -5.77
CA MET A 158 -11.38 5.04 -5.57
C MET A 158 -11.91 3.80 -6.27
N HIS A 159 -11.03 3.15 -7.04
CA HIS A 159 -11.24 1.84 -7.63
C HIS A 159 -10.37 0.83 -6.91
N TRP A 160 -10.54 -0.45 -7.27
CA TRP A 160 -9.66 -1.52 -6.84
C TRP A 160 -8.91 -2.04 -8.06
N GLY A 161 -7.59 -1.86 -8.08
CA GLY A 161 -6.76 -2.57 -9.03
C GLY A 161 -6.50 -3.98 -8.56
N HIS A 162 -5.93 -4.80 -9.44
CA HIS A 162 -5.77 -6.22 -9.14
C HIS A 162 -4.58 -6.79 -9.90
N ALA A 163 -3.73 -7.52 -9.17
CA ALA A 163 -2.58 -8.20 -9.74
C ALA A 163 -2.38 -9.52 -9.02
N VAL A 164 -1.77 -10.48 -9.71
CA VAL A 164 -1.61 -11.83 -9.19
C VAL A 164 -0.17 -12.27 -9.39
N SER A 165 0.29 -13.18 -8.53
CA SER A 165 1.69 -13.58 -8.56
C SER A 165 1.85 -14.98 -7.99
N ARG A 166 2.88 -15.67 -8.47
CA ARG A 166 3.26 -16.97 -7.95
C ARG A 166 4.44 -16.93 -7.00
N ASP A 167 5.11 -15.77 -6.86
CA ASP A 167 6.30 -15.71 -6.02
C ASP A 167 6.39 -14.45 -5.17
N LEU A 168 5.34 -13.63 -5.13
CA LEU A 168 5.30 -12.38 -4.37
C LEU A 168 6.29 -11.34 -4.90
N VAL A 169 6.98 -11.65 -6.01
CA VAL A 169 7.98 -10.76 -6.58
C VAL A 169 7.56 -10.29 -7.97
N HIS A 170 7.20 -11.21 -8.86
CA HIS A 170 6.78 -10.90 -10.22
C HIS A 170 5.25 -10.90 -10.29
N TRP A 171 4.69 -9.87 -10.92
CA TRP A 171 3.26 -9.62 -10.88
C TRP A 171 2.65 -9.63 -12.28
N THR A 172 1.47 -10.23 -12.39
CA THR A 172 0.68 -10.26 -13.61
C THR A 172 -0.56 -9.40 -13.41
N HIS A 173 -0.78 -8.45 -14.31
CA HIS A 173 -1.86 -7.48 -14.17
C HIS A 173 -3.19 -8.07 -14.58
N LEU A 174 -4.23 -7.78 -13.78
CA LEU A 174 -5.57 -8.28 -14.00
C LEU A 174 -6.53 -7.12 -14.26
N PRO A 175 -7.78 -7.36 -14.66
CA PRO A 175 -8.70 -6.24 -14.89
C PRO A 175 -9.06 -5.51 -13.59
N VAL A 176 -9.52 -4.28 -13.76
CA VAL A 176 -9.98 -3.48 -12.62
C VAL A 176 -11.11 -4.23 -11.93
N PHE A 177 -11.02 -4.30 -10.60
CA PHE A 177 -11.84 -5.20 -9.80
C PHE A 177 -13.10 -4.54 -9.23
N LEU A 178 -12.94 -3.43 -8.50
CA LEU A 178 -14.06 -2.68 -7.96
C LEU A 178 -13.96 -1.23 -8.42
N GLU A 179 -15.10 -0.54 -8.42
CA GLU A 179 -15.22 0.78 -9.00
C GLU A 179 -16.06 1.66 -8.10
N PRO A 180 -15.99 2.99 -8.26
CA PRO A 180 -16.78 3.89 -7.41
C PRO A 180 -18.28 3.65 -7.60
N GLN A 181 -19.03 4.02 -6.56
CA GLN A 181 -20.48 4.04 -6.68
C GLN A 181 -20.88 4.82 -7.92
N PRO A 182 -21.90 4.37 -8.66
CA PRO A 182 -22.25 5.04 -9.93
C PRO A 182 -22.56 6.52 -9.76
N GLU A 183 -23.19 6.93 -8.66
CA GLU A 183 -23.55 8.33 -8.47
C GLU A 183 -22.34 9.24 -8.36
N LEU A 184 -21.16 8.69 -8.10
CA LEU A 184 -19.96 9.52 -7.99
C LEU A 184 -19.55 10.11 -9.33
N HIS A 185 -20.05 9.55 -10.43
CA HIS A 185 -19.78 10.07 -11.77
C HIS A 185 -20.96 10.83 -12.36
N THR A 186 -22.06 10.95 -11.64
CA THR A 186 -23.20 11.75 -12.07
C THR A 186 -23.50 12.91 -11.13
N ASP A 187 -22.80 13.00 -10.01
CA ASP A 187 -22.99 14.06 -9.02
C ASP A 187 -21.61 14.54 -8.60
N GLU A 188 -21.22 15.72 -9.10
CA GLU A 188 -19.89 16.25 -8.79
C GLU A 188 -19.77 16.76 -7.37
N ARG A 189 -20.88 16.87 -6.63
CA ARG A 189 -20.82 17.38 -5.27
C ARG A 189 -20.23 16.37 -4.29
N ILE A 190 -20.14 15.09 -4.69
CA ILE A 190 -19.72 14.04 -3.77
C ILE A 190 -18.41 13.44 -4.25
N VAL A 191 -17.72 12.79 -3.30
CA VAL A 191 -16.45 12.13 -3.56
C VAL A 191 -16.38 10.88 -2.67
N GLY A 192 -15.70 9.86 -3.15
CA GLY A 192 -15.55 8.63 -2.39
C GLY A 192 -15.07 7.45 -3.21
N GLY A 193 -15.75 6.30 -3.10
CA GLY A 193 -15.47 5.16 -3.93
C GLY A 193 -15.28 3.90 -3.11
N ALA A 194 -14.64 2.90 -3.72
CA ALA A 194 -14.37 1.63 -3.06
C ALA A 194 -13.05 1.76 -2.29
N PHE A 195 -13.14 2.07 -1.01
CA PHE A 195 -11.96 2.27 -0.19
C PHE A 195 -11.35 0.92 0.20
N SER A 196 -10.36 0.96 1.10
CA SER A 196 -9.52 -0.19 1.35
C SER A 196 -10.32 -1.34 1.98
N GLY A 197 -9.79 -2.55 1.82
CA GLY A 197 -10.44 -3.74 2.34
C GLY A 197 -9.49 -4.93 2.42
N SER A 198 -9.95 -5.98 3.08
CA SER A 198 -9.18 -7.20 3.32
C SER A 198 -9.89 -8.40 2.68
N ALA A 199 -9.25 -9.57 2.79
CA ALA A 199 -9.69 -10.78 2.11
C ALA A 199 -9.72 -11.98 3.05
N VAL A 200 -10.75 -12.80 2.90
CA VAL A 200 -10.85 -14.08 3.60
C VAL A 200 -11.20 -15.15 2.57
N THR A 201 -10.31 -16.14 2.42
CA THR A 201 -10.57 -17.26 1.51
C THR A 201 -11.56 -18.23 2.15
N VAL A 202 -12.62 -18.55 1.40
CA VAL A 202 -13.72 -19.37 1.92
C VAL A 202 -14.02 -20.49 0.94
N ASP A 203 -14.76 -21.49 1.42
CA ASP A 203 -15.27 -22.55 0.56
C ASP A 203 -16.62 -22.12 -0.02
N GLU A 204 -17.33 -23.05 -0.66
CA GLU A 204 -18.58 -22.70 -1.33
C GLU A 204 -19.71 -22.38 -0.36
N HIS A 205 -19.58 -22.72 0.92
CA HIS A 205 -20.56 -22.36 1.93
C HIS A 205 -20.08 -21.22 2.83
N ASP A 206 -19.04 -20.50 2.41
CA ASP A 206 -18.46 -19.37 3.11
C ASP A 206 -17.77 -19.75 4.42
N ASN A 207 -17.39 -21.02 4.58
CA ASN A 207 -16.52 -21.40 5.68
C ASN A 207 -15.09 -20.96 5.37
N PRO A 208 -14.46 -20.20 6.27
CA PRO A 208 -13.04 -19.88 6.06
C PRO A 208 -12.19 -21.14 6.01
N VAL A 209 -11.39 -21.25 4.94
CA VAL A 209 -10.49 -22.38 4.72
C VAL A 209 -9.17 -21.85 4.20
N ALA A 210 -8.18 -22.74 4.17
CA ALA A 210 -6.89 -22.40 3.58
C ALA A 210 -7.06 -22.00 2.12
N GLY A 211 -6.16 -21.15 1.65
CA GLY A 211 -6.33 -20.57 0.33
C GLY A 211 -6.27 -21.57 -0.80
N ASN A 212 -5.40 -22.58 -0.68
CA ASN A 212 -5.28 -23.56 -1.75
C ASN A 212 -6.52 -24.43 -1.89
N GLU A 213 -7.29 -24.58 -0.81
CA GLU A 213 -8.52 -25.37 -0.82
C GLU A 213 -9.76 -24.52 -1.03
N ALA A 214 -9.61 -23.21 -1.18
CA ALA A 214 -10.74 -22.31 -1.20
C ALA A 214 -11.47 -22.36 -2.55
N ASN A 215 -12.74 -21.95 -2.52
CA ASN A 215 -13.55 -21.84 -3.71
C ASN A 215 -13.77 -20.39 -4.14
N ALA A 216 -13.54 -19.43 -3.26
CA ALA A 216 -13.73 -18.02 -3.59
C ALA A 216 -12.97 -17.18 -2.58
N ILE A 217 -12.70 -15.93 -2.96
CA ILE A 217 -12.17 -14.92 -2.06
C ILE A 217 -13.34 -14.06 -1.60
N ARG A 218 -13.55 -13.96 -0.30
CA ARG A 218 -14.50 -13.00 0.26
C ARG A 218 -13.75 -11.75 0.68
N LEU A 219 -14.18 -10.61 0.18
CA LEU A 219 -13.57 -9.33 0.50
C LEU A 219 -14.48 -8.53 1.40
N TYR A 220 -13.90 -7.84 2.37
CA TYR A 220 -14.60 -6.88 3.22
C TYR A 220 -13.91 -5.53 3.01
N LEU A 221 -14.67 -4.53 2.57
CA LEU A 221 -14.09 -3.24 2.21
C LEU A 221 -14.96 -2.10 2.71
N THR A 222 -14.40 -0.90 2.66
CA THR A 222 -15.11 0.32 3.03
C THR A 222 -15.64 1.00 1.78
N ARG A 223 -16.90 1.40 1.83
CA ARG A 223 -17.48 2.32 0.86
C ARG A 223 -17.50 3.71 1.48
N HIS A 224 -17.04 4.70 0.74
CA HIS A 224 -16.92 6.08 1.22
C HIS A 224 -17.82 6.98 0.38
N LEU A 225 -18.61 7.80 1.07
CA LEU A 225 -19.44 8.81 0.44
C LEU A 225 -19.31 10.10 1.22
N GLU A 226 -18.94 11.18 0.54
CA GLU A 226 -18.67 12.45 1.21
C GLU A 226 -19.07 13.61 0.32
N THR A 227 -19.79 14.56 0.89
CA THR A 227 -20.08 15.82 0.21
C THR A 227 -18.85 16.72 0.29
N ARG A 228 -18.28 17.05 -0.88
CA ARG A 228 -17.07 17.86 -0.93
C ARG A 228 -17.21 19.13 -0.11
N GLY A 229 -16.26 19.35 0.80
CA GLY A 229 -16.24 20.53 1.62
C GLY A 229 -16.97 20.43 2.94
N ASP A 230 -17.54 19.26 3.27
CA ASP A 230 -18.29 19.06 4.51
C ASP A 230 -17.80 17.77 5.17
N GLU A 231 -16.87 17.90 6.11
CA GLU A 231 -16.38 16.77 6.89
C GLU A 231 -17.52 16.00 7.55
N SER A 232 -18.52 16.72 8.06
CA SER A 232 -19.60 16.12 8.81
C SER A 232 -20.53 15.29 7.93
N SER A 233 -20.31 15.28 6.62
CA SER A 233 -21.10 14.48 5.70
C SER A 233 -20.45 13.14 5.37
N VAL A 234 -19.27 12.85 5.93
CA VAL A 234 -18.56 11.63 5.59
C VAL A 234 -19.39 10.43 6.03
N THR A 235 -19.67 9.55 5.08
CA THR A 235 -20.49 8.36 5.30
C THR A 235 -19.66 7.14 4.91
N GLU A 236 -19.12 6.44 5.90
CA GLU A 236 -18.30 5.26 5.66
C GLU A 236 -18.97 4.04 6.28
N TYR A 237 -18.99 2.94 5.53
CA TYR A 237 -19.60 1.69 5.97
C TYR A 237 -18.86 0.53 5.30
N GLN A 238 -19.06 -0.67 5.84
CA GLN A 238 -18.32 -1.85 5.41
C GLN A 238 -19.23 -2.79 4.62
N THR A 239 -18.75 -3.25 3.47
CA THR A 239 -19.50 -4.15 2.59
C THR A 239 -18.68 -5.40 2.31
N THR A 240 -19.32 -6.38 1.69
CA THR A 240 -18.67 -7.63 1.32
C THR A 240 -19.02 -7.99 -0.12
N CYS A 241 -18.14 -8.78 -0.72
CA CYS A 241 -18.37 -9.31 -2.07
C CYS A 241 -17.42 -10.48 -2.28
N LEU A 242 -17.69 -11.26 -3.31
CA LEU A 242 -16.93 -12.47 -3.61
C LEU A 242 -16.17 -12.32 -4.91
N CYS A 243 -14.95 -12.85 -4.93
CA CYS A 243 -14.25 -13.21 -6.16
C CYS A 243 -14.27 -14.73 -6.27
N GLU A 244 -15.08 -15.24 -7.20
CA GLU A 244 -15.26 -16.69 -7.30
C GLU A 244 -14.29 -17.34 -8.27
N ASP A 245 -13.82 -16.62 -9.30
CA ASP A 245 -12.94 -17.20 -10.30
C ASP A 245 -11.54 -16.59 -10.27
N GLY A 246 -11.21 -15.79 -9.26
CA GLY A 246 -9.91 -15.18 -9.18
C GLY A 246 -9.72 -13.91 -9.99
N VAL A 247 -10.74 -13.48 -10.73
CA VAL A 247 -10.61 -12.32 -11.61
C VAL A 247 -11.76 -11.35 -11.42
N HIS A 248 -12.99 -11.84 -11.56
CA HIS A 248 -14.17 -10.98 -11.60
C HIS A 248 -14.84 -10.89 -10.23
N VAL A 249 -15.43 -9.71 -9.95
CA VAL A 249 -16.16 -9.48 -8.71
C VAL A 249 -17.63 -9.83 -8.93
N ARG A 250 -18.29 -10.21 -7.84
CA ARG A 250 -19.73 -10.47 -7.83
C ARG A 250 -20.40 -9.51 -6.84
N VAL A 251 -21.70 -9.76 -6.59
CA VAL A 251 -22.56 -8.75 -5.99
C VAL A 251 -22.02 -8.30 -4.64
N GLU A 252 -22.13 -6.99 -4.39
CA GLU A 252 -21.65 -6.34 -3.17
C GLU A 252 -22.84 -5.88 -2.33
N SER A 253 -22.74 -6.08 -1.01
CA SER A 253 -23.82 -5.76 -0.09
C SER A 253 -23.22 -5.42 1.27
N PRO A 254 -23.84 -4.51 2.03
CA PRO A 254 -23.21 -4.00 3.25
C PRO A 254 -23.33 -4.95 4.43
N VAL A 255 -22.35 -4.87 5.33
CA VAL A 255 -22.26 -5.79 6.45
C VAL A 255 -22.04 -5.09 7.80
N ALA A 256 -21.53 -3.86 7.86
CA ALA A 256 -21.26 -3.23 9.15
C ALA A 256 -21.36 -1.72 9.03
N LEU A 257 -22.21 -1.13 9.86
CA LEU A 257 -22.33 0.33 9.98
C LEU A 257 -21.76 0.78 11.31
N ARG A 258 -21.55 2.10 11.43
CA ARG A 258 -21.14 2.68 12.70
C ARG A 258 -22.13 2.31 13.80
N ALA A 259 -21.61 1.78 14.91
CA ALA A 259 -22.48 1.19 15.92
C ALA A 259 -23.35 2.23 16.60
N ASN A 260 -22.87 3.46 16.73
CA ASN A 260 -23.66 4.53 17.33
C ASN A 260 -23.09 5.87 16.88
N ASP A 261 -23.76 6.95 17.29
CA ASP A 261 -23.39 8.29 16.86
C ASP A 261 -22.07 8.78 17.45
N ASP A 262 -21.52 8.09 18.45
CA ASP A 262 -20.24 8.50 19.01
C ASP A 262 -19.05 7.93 18.26
N PHE A 263 -19.26 6.96 17.37
CA PHE A 263 -18.23 6.59 16.41
C PHE A 263 -17.84 7.82 15.60
N GLY A 264 -16.55 7.97 15.34
CA GLY A 264 -16.13 8.95 14.37
C GLY A 264 -16.70 8.65 13.00
N TYR A 265 -16.96 9.70 12.23
CA TYR A 265 -17.40 9.50 10.86
C TYR A 265 -16.37 8.72 10.06
N ASP A 266 -15.09 8.91 10.35
CA ASP A 266 -14.03 8.04 9.84
C ASP A 266 -14.18 6.66 10.46
N PHE A 267 -14.49 5.67 9.63
CA PHE A 267 -14.79 4.32 10.10
C PHE A 267 -14.55 3.34 8.95
N ARG A 268 -13.31 2.91 8.77
CA ARG A 268 -12.91 2.32 7.50
C ARG A 268 -11.82 1.27 7.68
N ASP A 269 -11.46 0.65 6.55
CA ASP A 269 -10.36 -0.29 6.38
C ASP A 269 -10.57 -1.56 7.20
N PRO A 270 -11.64 -2.31 6.97
CA PRO A 270 -11.89 -3.51 7.78
C PRO A 270 -10.86 -4.59 7.50
N LYS A 271 -10.39 -5.23 8.56
CA LYS A 271 -9.43 -6.33 8.47
C LYS A 271 -10.00 -7.51 9.25
N VAL A 272 -10.31 -8.60 8.55
CA VAL A 272 -10.98 -9.75 9.13
C VAL A 272 -9.93 -10.85 9.34
N GLU A 273 -9.74 -11.25 10.59
CA GLU A 273 -8.73 -12.24 10.96
C GLU A 273 -9.42 -13.48 11.50
N CYS A 274 -9.11 -14.63 10.92
CA CYS A 274 -9.81 -15.86 11.29
C CYS A 274 -8.92 -16.87 12.00
N GLY A 275 -7.61 -16.64 12.07
CA GLY A 275 -6.69 -17.65 12.56
C GLY A 275 -6.13 -17.41 13.94
N MET A 276 -6.78 -16.56 14.75
CA MET A 276 -6.30 -16.28 16.09
C MET A 276 -6.91 -17.25 17.11
N GLY A 277 -6.34 -17.22 18.32
CA GLY A 277 -6.81 -18.07 19.39
C GLY A 277 -6.62 -17.42 20.76
N GLY A 278 -6.77 -18.20 21.82
CA GLY A 278 -6.65 -17.70 23.16
C GLY A 278 -7.99 -17.59 23.86
N GLU A 279 -7.93 -17.31 25.17
CA GLU A 279 -9.12 -17.32 26.00
C GLU A 279 -10.05 -16.15 25.72
N ALA A 280 -9.59 -15.13 25.01
CA ALA A 280 -10.39 -13.92 24.81
C ALA A 280 -11.27 -13.97 23.58
N LEU A 281 -11.10 -14.96 22.71
CA LEU A 281 -11.80 -15.02 21.44
C LEU A 281 -12.70 -16.25 21.35
N ASP A 282 -13.80 -16.10 20.61
CA ASP A 282 -14.71 -17.20 20.32
C ASP A 282 -14.19 -17.92 19.08
N PRO A 283 -13.76 -19.18 19.20
CA PRO A 283 -13.22 -19.88 18.04
C PRO A 283 -14.22 -20.09 16.92
N ASP A 284 -15.51 -19.99 17.21
CA ASP A 284 -16.56 -20.11 16.20
C ASP A 284 -16.92 -18.78 15.55
N ARG A 285 -16.18 -17.72 15.84
CA ARG A 285 -16.45 -16.41 15.27
C ARG A 285 -15.19 -15.85 14.62
N ALA A 286 -15.38 -15.15 13.50
CA ALA A 286 -14.31 -14.38 12.88
C ALA A 286 -14.34 -12.95 13.42
N TYR A 287 -13.18 -12.32 13.45
CA TYR A 287 -13.03 -11.01 14.08
C TYR A 287 -12.54 -9.98 13.08
N MET A 288 -13.11 -8.78 13.18
CA MET A 288 -12.87 -7.68 12.25
C MET A 288 -12.48 -6.44 13.04
N VAL A 289 -11.33 -5.86 12.72
CA VAL A 289 -10.95 -4.57 13.28
C VAL A 289 -11.25 -3.49 12.24
N THR A 290 -11.70 -2.34 12.73
CA THR A 290 -11.93 -1.18 11.88
C THR A 290 -11.26 0.02 12.51
N ALA A 291 -10.91 1.00 11.68
CA ALA A 291 -10.21 2.20 12.11
C ALA A 291 -11.20 3.33 12.31
N THR A 292 -11.22 3.89 13.51
CA THR A 292 -12.09 5.03 13.82
C THR A 292 -11.50 5.77 15.03
N ASN A 293 -12.31 6.64 15.62
CA ASN A 293 -11.97 7.32 16.86
C ASN A 293 -13.20 7.29 17.77
N LEU A 294 -12.95 7.33 19.07
CA LEU A 294 -14.02 7.28 20.05
C LEU A 294 -13.87 8.39 21.07
N PRO A 295 -14.96 8.82 21.70
CA PRO A 295 -14.85 9.85 22.74
C PRO A 295 -14.01 9.35 23.90
N VAL A 296 -13.09 10.21 24.37
CA VAL A 296 -12.26 9.84 25.50
C VAL A 296 -13.09 9.61 26.76
N SER A 297 -14.32 10.14 26.80
CA SER A 297 -15.21 9.90 27.91
C SER A 297 -15.65 8.44 28.02
N GLU A 298 -15.41 7.63 26.98
CA GLU A 298 -15.65 6.19 27.05
C GLU A 298 -14.52 5.46 27.78
N PHE A 299 -13.53 6.17 28.29
CA PHE A 299 -12.39 5.59 28.98
C PHE A 299 -12.18 6.30 30.30
N GLY A 300 -11.43 5.64 31.20
CA GLY A 300 -11.15 6.24 32.49
C GLY A 300 -10.38 7.54 32.35
N ALA A 301 -10.53 8.40 33.36
CA ALA A 301 -9.85 9.70 33.34
C ALA A 301 -8.33 9.55 33.36
N ASP A 302 -7.82 8.42 33.83
CA ASP A 302 -6.40 8.15 33.91
C ASP A 302 -5.87 7.38 32.71
N ALA A 303 -6.60 7.40 31.58
CA ALA A 303 -6.29 6.50 30.48
C ALA A 303 -4.90 6.74 29.89
N ALA A 304 -4.39 7.98 29.99
CA ALA A 304 -3.10 8.27 29.38
C ALA A 304 -1.95 7.62 30.14
N ASP A 305 -2.10 7.40 31.45
CA ASP A 305 -1.10 6.71 32.28
C ASP A 305 -1.86 5.75 33.21
N SER A 306 -2.26 4.61 32.66
CA SER A 306 -2.96 3.58 33.43
C SER A 306 -2.40 2.22 33.06
N ALA A 307 -2.82 1.20 33.79
CA ALA A 307 -2.48 -0.19 33.51
C ALA A 307 -3.64 -0.96 32.90
N VAL A 308 -4.72 -0.27 32.53
CA VAL A 308 -5.90 -0.94 32.01
C VAL A 308 -5.60 -1.54 30.64
N PRO A 309 -6.00 -2.78 30.38
CA PRO A 309 -5.80 -3.34 29.04
C PRO A 309 -6.65 -2.63 28.00
N GLY A 310 -6.23 -2.75 26.75
CA GLY A 310 -6.89 -2.10 25.64
C GLY A 310 -6.41 -0.70 25.35
N ILE A 311 -5.43 -0.19 26.10
CA ILE A 311 -4.92 1.16 25.93
C ILE A 311 -3.41 1.10 25.83
N SER A 312 -2.87 1.72 24.78
CA SER A 312 -1.43 1.90 24.63
C SER A 312 -1.08 3.31 25.05
N THR A 313 -0.05 3.44 25.91
CA THR A 313 0.24 4.71 26.56
C THR A 313 1.56 5.35 26.13
N GLN A 314 2.39 4.66 25.34
CA GLN A 314 3.66 5.26 24.95
C GLN A 314 3.43 6.49 24.07
N ASN A 315 4.07 7.58 24.44
CA ASN A 315 3.89 8.88 23.79
C ASN A 315 5.19 9.27 23.12
N THR A 316 5.21 9.25 21.79
CA THR A 316 6.40 9.60 21.04
C THR A 316 6.63 11.10 20.96
N GLY A 317 5.85 11.90 21.69
CA GLY A 317 6.17 13.30 21.91
C GLY A 317 6.09 14.18 20.68
N GLY A 318 5.24 13.85 19.73
CA GLY A 318 5.08 14.65 18.52
C GLY A 318 4.01 15.71 18.65
N TRP A 319 3.40 16.05 17.51
CA TRP A 319 2.41 17.11 17.49
C TRP A 319 1.37 16.83 16.41
N PHE A 320 0.25 17.54 16.50
CA PHE A 320 -0.86 17.40 15.57
C PHE A 320 -0.74 18.40 14.43
N THR A 321 -1.00 17.92 13.20
CA THR A 321 -0.97 18.75 12.01
C THR A 321 -1.60 17.96 10.86
N TYR A 322 -2.36 18.64 10.00
CA TYR A 322 -3.02 18.07 8.84
CA TYR A 322 -2.95 17.87 8.92
C TYR A 322 -2.09 17.86 7.65
N SER A 323 -0.89 18.42 7.69
CA SER A 323 -0.02 18.40 6.52
C SER A 323 1.34 17.80 6.86
N PRO A 324 1.95 17.08 5.92
CA PRO A 324 3.25 16.45 6.18
C PRO A 324 4.33 17.43 6.60
N GLN A 325 4.23 18.70 6.22
CA GLN A 325 5.22 19.71 6.56
C GLN A 325 4.77 20.62 7.68
N GLY A 326 3.58 20.40 8.23
CA GLY A 326 3.04 21.31 9.22
C GLY A 326 3.90 21.36 10.47
N LYS A 327 4.13 22.58 10.96
CA LYS A 327 4.93 22.80 12.15
C LYS A 327 4.05 22.76 13.40
N PRO A 328 4.66 22.53 14.57
CA PRO A 328 3.85 22.32 15.78
C PRO A 328 3.19 23.60 16.27
N GLY A 329 2.02 23.44 16.87
CA GLY A 329 1.31 24.52 17.51
C GLY A 329 0.35 25.30 16.63
N VAL A 330 0.36 25.05 15.32
CA VAL A 330 -0.46 25.85 14.41
C VAL A 330 -1.94 25.56 14.60
N ASP A 331 -2.33 24.30 14.47
CA ASP A 331 -3.72 23.89 14.54
C ASP A 331 -3.95 22.96 15.72
N GLN A 332 -5.20 22.88 16.16
CA GLN A 332 -5.53 22.17 17.39
C GLN A 332 -6.15 20.83 17.09
N PRO A 333 -5.75 19.78 17.79
CA PRO A 333 -6.36 18.46 17.56
C PRO A 333 -7.76 18.36 18.15
N ASN A 334 -8.42 17.23 17.93
CA ASN A 334 -9.70 16.95 18.56
C ASN A 334 -9.43 16.47 19.98
N ASN A 335 -9.65 17.35 20.95
CA ASN A 335 -9.38 17.04 22.35
C ASN A 335 -10.44 16.14 22.98
N ALA A 336 -11.47 15.74 22.22
CA ALA A 336 -12.54 14.90 22.75
C ALA A 336 -12.45 13.46 22.29
N THR A 337 -11.59 13.14 21.32
CA THR A 337 -11.52 11.82 20.74
C THR A 337 -10.13 11.24 20.85
N VAL A 338 -10.05 9.93 20.67
CA VAL A 338 -8.79 9.18 20.68
C VAL A 338 -8.88 8.10 19.60
N PRO A 339 -7.82 7.86 18.84
CA PRO A 339 -7.88 6.80 17.82
C PRO A 339 -8.16 5.45 18.47
N ALA A 340 -9.06 4.69 17.84
CA ALA A 340 -9.47 3.40 18.38
C ALA A 340 -9.66 2.39 17.27
N MET A 341 -9.32 1.14 17.58
CA MET A 341 -9.62 0.00 16.70
C MET A 341 -10.87 -0.67 17.23
N THR A 342 -12.00 -0.40 16.56
CA THR A 342 -13.27 -0.98 16.98
C THR A 342 -13.37 -2.41 16.45
N LEU A 343 -13.64 -3.34 17.37
CA LEU A 343 -13.64 -4.77 17.07
C LEU A 343 -15.07 -5.27 16.85
N PHE A 344 -15.24 -6.10 15.83
CA PHE A 344 -16.51 -6.74 15.52
C PHE A 344 -16.28 -8.23 15.30
N SER A 345 -17.32 -9.02 15.53
CA SER A 345 -17.23 -10.46 15.32
C SER A 345 -18.52 -10.99 14.72
N ALA A 346 -18.38 -12.05 13.93
CA ALA A 346 -19.51 -12.72 13.30
C ALA A 346 -19.34 -14.22 13.40
N LYS A 347 -20.45 -14.94 13.58
CA LYS A 347 -20.40 -16.39 13.65
C LYS A 347 -20.14 -16.99 12.28
N LYS A 348 -19.13 -17.84 12.20
CA LYS A 348 -18.85 -18.55 10.96
C LYS A 348 -19.92 -19.62 10.70
N PRO A 349 -20.20 -19.94 9.43
CA PRO A 349 -19.62 -19.42 8.18
C PRO A 349 -19.94 -17.96 7.90
N LEU A 350 -19.08 -17.31 7.13
CA LEU A 350 -19.20 -15.88 6.86
C LEU A 350 -20.08 -15.62 5.65
N LYS A 351 -21.31 -16.12 5.72
CA LYS A 351 -22.28 -15.82 4.69
CA LYS A 351 -22.30 -15.82 4.71
C LYS A 351 -22.54 -14.32 4.65
N ARG A 352 -22.90 -13.82 3.45
CA ARG A 352 -23.03 -12.38 3.26
C ARG A 352 -24.04 -11.74 4.19
N ASN A 353 -25.00 -12.51 4.72
CA ASN A 353 -26.08 -11.95 5.51
C ASN A 353 -25.94 -12.21 7.01
N VAL A 354 -24.78 -12.69 7.47
CA VAL A 354 -24.59 -12.85 8.91
C VAL A 354 -24.26 -11.49 9.50
N THR A 355 -24.74 -11.24 10.71
CA THR A 355 -24.55 -9.92 11.31
C THR A 355 -23.22 -9.85 12.04
N TRP A 356 -22.72 -8.62 12.19
CA TRP A 356 -21.44 -8.36 12.82
C TRP A 356 -21.69 -7.69 14.16
N ARG A 357 -21.27 -8.35 15.24
CA ARG A 357 -21.52 -7.90 16.60
C ARG A 357 -20.40 -6.97 17.06
N TYR A 358 -20.77 -5.80 17.57
CA TYR A 358 -19.78 -4.86 18.06
C TYR A 358 -19.20 -5.36 19.39
N GLU A 359 -17.88 -5.45 19.45
CA GLU A 359 -17.19 -5.99 20.62
C GLU A 359 -16.48 -4.92 21.44
N GLY A 360 -16.60 -3.65 21.08
CA GLY A 360 -15.89 -2.60 21.76
C GLY A 360 -14.54 -2.33 21.13
N PRO A 361 -13.85 -1.31 21.61
CA PRO A 361 -12.49 -1.02 21.10
C PRO A 361 -11.48 -2.00 21.67
N VAL A 362 -10.87 -2.81 20.79
CA VAL A 362 -9.83 -3.71 21.23
C VAL A 362 -8.57 -2.94 21.59
N LEU A 363 -8.39 -1.74 21.03
CA LEU A 363 -7.20 -0.94 21.25
C LEU A 363 -7.54 0.54 21.07
N ALA A 364 -7.04 1.36 21.98
CA ALA A 364 -7.09 2.80 21.85
C ALA A 364 -5.71 3.35 22.18
N ASP A 365 -5.20 4.26 21.34
CA ASP A 365 -3.85 4.80 21.49
C ASP A 365 -3.95 6.14 22.21
N PHE A 366 -3.93 6.09 23.54
CA PHE A 366 -3.94 7.32 24.32
C PHE A 366 -2.57 8.00 24.36
N GLY A 367 -1.49 7.25 24.14
CA GLY A 367 -0.20 7.88 23.99
C GLY A 367 -0.15 8.82 22.81
N HIS A 368 -0.96 8.55 21.77
CA HIS A 368 -1.05 9.39 20.59
C HIS A 368 -2.47 9.87 20.38
N GLN A 369 -3.13 10.29 21.47
CA GLN A 369 -4.53 10.68 21.39
C GLN A 369 -4.74 11.96 20.60
N ILE A 370 -3.70 12.76 20.35
CA ILE A 370 -3.87 13.94 19.53
C ILE A 370 -3.98 13.59 18.05
N ALA A 371 -3.60 12.38 17.65
CA ALA A 371 -3.83 11.96 16.28
C ALA A 371 -5.32 11.91 15.99
N ARG A 372 -5.69 12.23 14.74
CA ARG A 372 -7.11 12.34 14.39
C ARG A 372 -7.82 11.01 14.53
N THR A 373 -7.28 9.97 13.90
CA THR A 373 -7.95 8.68 13.82
C THR A 373 -6.96 7.65 13.27
N TYR A 374 -7.37 6.39 13.31
CA TYR A 374 -6.59 5.31 12.74
C TYR A 374 -6.86 5.20 11.25
N GLU A 375 -5.90 4.59 10.56
CA GLU A 375 -6.09 4.14 9.18
C GLU A 375 -5.41 2.79 9.00
N CYS A 376 -6.04 1.92 8.23
CA CYS A 376 -5.52 0.60 7.87
C CYS A 376 -5.10 -0.21 9.08
N PRO A 377 -6.04 -0.65 9.91
CA PRO A 377 -5.68 -1.46 11.07
C PRO A 377 -5.47 -2.93 10.69
N ASP A 378 -4.93 -3.67 11.65
CA ASP A 378 -4.71 -5.10 11.46
C ASP A 378 -4.52 -5.72 12.84
N LEU A 379 -5.07 -6.91 13.02
CA LEU A 379 -4.97 -7.64 14.28
C LEU A 379 -4.72 -9.10 13.97
N PHE A 380 -3.59 -9.62 14.45
CA PHE A 380 -3.22 -11.00 14.17
C PHE A 380 -2.35 -11.51 15.30
N GLN A 381 -2.02 -12.79 15.24
CA GLN A 381 -1.14 -13.44 16.20
C GLN A 381 0.01 -14.11 15.47
N VAL A 382 1.22 -13.96 16.02
CA VAL A 382 2.41 -14.57 15.44
C VAL A 382 3.38 -14.90 16.58
N ASP A 383 4.01 -16.07 16.49
CA ASP A 383 4.93 -16.57 17.51
C ASP A 383 4.36 -16.42 18.91
N GLY A 384 3.07 -16.71 19.08
CA GLY A 384 2.43 -16.73 20.39
C GLY A 384 2.10 -15.37 20.98
N VAL A 385 2.10 -14.30 20.19
CA VAL A 385 1.84 -12.95 20.69
C VAL A 385 0.83 -12.29 19.77
N THR A 386 -0.15 -11.59 20.36
CA THR A 386 -1.12 -10.83 19.59
C THR A 386 -0.52 -9.48 19.22
N VAL A 387 -0.67 -9.09 17.95
CA VAL A 387 -0.08 -7.86 17.42
C VAL A 387 -1.17 -7.04 16.76
N ALA A 388 -1.24 -5.75 17.09
CA ALA A 388 -2.08 -4.78 16.39
C ALA A 388 -1.19 -3.79 15.66
N VAL A 389 -1.59 -3.44 14.44
CA VAL A 389 -0.85 -2.52 13.59
C VAL A 389 -1.82 -1.49 13.03
N GLY A 390 -1.46 -0.22 13.11
CA GLY A 390 -2.31 0.85 12.61
C GLY A 390 -1.54 2.13 12.42
N ALA A 391 -2.10 3.00 11.58
CA ALA A 391 -1.47 4.27 11.23
C ALA A 391 -2.19 5.43 11.92
N LEU A 392 -1.42 6.45 12.28
CA LEU A 392 -1.91 7.58 13.07
C LEU A 392 -2.07 8.81 12.18
N MET A 393 -3.31 9.18 11.90
CA MET A 393 -3.57 10.29 10.99
C MET A 393 -3.23 11.63 11.63
N HIS A 394 -2.68 12.53 10.81
CA HIS A 394 -2.47 13.92 11.20
C HIS A 394 -1.59 14.04 12.44
N TYR A 395 -0.56 13.21 12.50
CA TYR A 395 0.37 13.22 13.62
C TYR A 395 1.79 13.07 13.10
N ARG A 396 2.66 13.98 13.51
CA ARG A 396 4.10 13.83 13.31
C ARG A 396 4.73 13.48 14.65
N ASP A 397 5.69 12.56 14.64
CA ASP A 397 6.36 12.22 15.88
C ASP A 397 7.37 13.31 16.25
N LYS A 398 8.02 13.14 17.41
CA LYS A 398 9.03 14.11 17.84
C LYS A 398 10.10 14.31 16.80
N GLN A 399 10.43 13.26 16.04
CA GLN A 399 11.46 13.32 15.01
C GLN A 399 10.99 13.98 13.72
N GLY A 400 9.69 14.23 13.57
CA GLY A 400 9.16 14.87 12.38
C GLY A 400 8.53 13.95 11.37
N ARG A 401 8.42 12.65 11.66
CA ARG A 401 7.87 11.70 10.71
C ARG A 401 6.35 11.73 10.73
N PHE A 402 5.75 11.92 9.56
CA PHE A 402 4.32 12.18 9.43
C PHE A 402 3.56 10.87 9.21
N GLN A 403 2.53 10.65 10.01
CA GLN A 403 1.60 9.52 9.88
C GLN A 403 2.36 8.20 9.82
N GLN A 404 3.13 7.95 10.87
CA GLN A 404 3.83 6.68 11.01
C GLN A 404 2.86 5.55 11.33
N VAL A 405 3.25 4.34 10.97
CA VAL A 405 2.48 3.13 11.24
C VAL A 405 3.05 2.49 12.50
N ARG A 406 2.21 2.30 13.51
CA ARG A 406 2.63 1.78 14.80
C ARG A 406 2.18 0.33 14.98
N TRP A 407 3.03 -0.49 15.58
CA TRP A 407 2.66 -1.84 15.98
C TRP A 407 2.59 -1.92 17.50
N TYR A 408 1.68 -2.77 17.99
CA TYR A 408 1.46 -2.96 19.42
C TYR A 408 1.38 -4.46 19.68
N ALA A 409 2.23 -4.96 20.58
CA ALA A 409 2.32 -6.39 20.86
C ALA A 409 1.96 -6.66 22.31
N GLY A 410 1.22 -7.74 22.54
CA GLY A 410 0.82 -8.09 23.89
C GLY A 410 -0.09 -9.29 23.91
N ASP A 411 -0.88 -9.38 24.98
CA ASP A 411 -1.79 -10.49 25.18
C ASP A 411 -3.23 -10.03 25.04
N LEU A 412 -4.00 -10.72 24.21
CA LEU A 412 -5.44 -10.51 24.12
C LEU A 412 -6.11 -11.10 25.36
N VAL A 413 -6.69 -10.25 26.19
CA VAL A 413 -7.24 -10.68 27.48
C VAL A 413 -8.75 -10.50 27.47
N ASN A 414 -9.41 -11.30 28.31
CA ASN A 414 -10.86 -11.25 28.48
C ASN A 414 -11.21 -10.25 29.56
N THR A 415 -12.13 -9.33 29.24
CA THR A 415 -12.62 -8.36 30.21
C THR A 415 -14.14 -8.33 30.17
N ASP A 416 -14.72 -7.58 31.13
CA ASP A 416 -16.16 -7.45 31.19
C ASP A 416 -16.72 -6.72 29.98
N ASN A 417 -15.92 -5.87 29.34
CA ASN A 417 -16.36 -5.05 28.22
C ASN A 417 -15.75 -5.51 26.89
N GLY A 418 -15.39 -6.79 26.80
CA GLY A 418 -14.96 -7.36 25.54
C GLY A 418 -13.47 -7.63 25.47
N PRO A 419 -13.00 -8.11 24.32
CA PRO A 419 -11.57 -8.40 24.16
C PRO A 419 -10.76 -7.13 24.13
N LYS A 420 -9.65 -7.12 24.87
CA LYS A 420 -8.75 -5.99 24.95
C LYS A 420 -7.32 -6.46 24.75
N LEU A 421 -6.55 -5.72 23.96
CA LEU A 421 -5.13 -6.00 23.80
C LEU A 421 -4.37 -5.38 24.96
N ASP A 422 -3.80 -6.22 25.83
CA ASP A 422 -2.93 -5.76 26.90
C ASP A 422 -1.58 -5.45 26.29
N VAL A 423 -1.32 -4.17 26.00
CA VAL A 423 -0.11 -3.77 25.30
C VAL A 423 1.10 -3.96 26.22
N LYS A 424 2.06 -4.77 25.79
CA LYS A 424 3.34 -4.92 26.49
C LYS A 424 4.46 -4.13 25.83
N ALA A 425 4.33 -3.77 24.55
CA ALA A 425 5.35 -3.01 23.85
C ALA A 425 4.73 -2.38 22.62
N SER A 426 5.35 -1.30 22.16
CA SER A 426 4.91 -0.60 20.96
C SER A 426 6.10 0.12 20.35
N ASP A 427 6.07 0.28 19.02
CA ASP A 427 7.11 0.98 18.28
C ASP A 427 6.64 1.16 16.84
N TRP A 428 7.46 1.85 16.05
CA TRP A 428 7.16 2.06 14.63
C TRP A 428 7.54 0.85 13.80
N CYS A 429 6.74 0.57 12.77
CA CYS A 429 7.08 -0.49 11.82
C CYS A 429 8.24 -0.11 10.92
N ASP A 430 8.43 1.18 10.66
CA ASP A 430 9.40 1.65 9.69
C ASP A 430 9.90 3.02 10.13
N PHE A 431 11.21 3.15 10.35
CA PHE A 431 11.76 4.38 10.90
C PHE A 431 12.09 5.41 9.83
N GLY A 432 11.70 5.18 8.57
CA GLY A 432 11.82 6.19 7.54
C GLY A 432 10.59 7.07 7.47
N THR A 433 10.10 7.34 6.27
CA THR A 433 8.85 8.08 6.12
C THR A 433 8.15 7.65 4.84
N GLY A 434 6.82 7.61 4.88
CA GLY A 434 6.03 7.29 3.72
C GLY A 434 5.66 5.84 3.58
N TYR A 435 6.20 4.96 4.42
CA TYR A 435 5.76 3.56 4.48
C TYR A 435 4.42 3.54 5.19
N TYR A 436 3.35 3.32 4.43
CA TYR A 436 2.00 3.61 4.90
C TYR A 436 1.04 2.52 4.47
N ALA A 437 -0.12 2.50 5.13
CA ALA A 437 -1.26 1.67 4.72
C ALA A 437 -0.89 0.19 4.69
N THR A 438 -0.31 -0.30 5.78
CA THR A 438 0.08 -1.69 5.87
C THR A 438 -1.13 -2.60 5.94
N GLN A 439 -1.06 -3.72 5.23
CA GLN A 439 -2.00 -4.82 5.42
C GLN A 439 -1.21 -6.12 5.36
N SER A 440 -1.62 -7.08 6.17
CA SER A 440 -0.91 -8.35 6.27
C SER A 440 -1.84 -9.51 5.95
N PHE A 441 -1.24 -10.68 5.72
CA PHE A 441 -2.00 -11.91 5.51
C PHE A 441 -1.14 -13.09 5.91
N ALA A 442 -1.79 -14.24 6.07
CA ALA A 442 -1.11 -15.50 6.37
C ALA A 442 -1.22 -16.41 5.15
N ASP A 443 -0.07 -16.77 4.57
CA ASP A 443 -0.08 -17.65 3.42
C ASP A 443 -0.40 -19.09 3.87
N ASP A 444 -0.40 -20.01 2.91
CA ASP A 444 -0.84 -21.38 3.21
C ASP A 444 0.06 -22.08 4.21
N ASN A 445 1.30 -21.60 4.39
CA ASN A 445 2.22 -22.19 5.36
C ASN A 445 2.26 -21.42 6.67
N GLY A 446 1.35 -20.47 6.88
CA GLY A 446 1.30 -19.73 8.12
C GLY A 446 2.26 -18.57 8.22
N ARG A 447 3.03 -18.29 7.17
CA ARG A 447 3.87 -17.10 7.15
C ARG A 447 3.00 -15.84 7.24
N ARG A 448 3.38 -14.93 8.13
CA ARG A 448 2.72 -13.63 8.23
C ARG A 448 3.48 -12.64 7.35
N ILE A 449 2.83 -12.17 6.30
CA ILE A 449 3.44 -11.32 5.27
C ILE A 449 2.69 -10.00 5.20
N VAL A 450 3.43 -8.90 5.14
CA VAL A 450 2.85 -7.57 5.15
C VAL A 450 3.33 -6.80 3.91
N PHE A 451 2.40 -6.06 3.30
CA PHE A 451 2.70 -5.10 2.25
C PHE A 451 2.42 -3.69 2.74
N GLY A 452 3.16 -2.73 2.20
CA GLY A 452 2.91 -1.33 2.48
C GLY A 452 2.96 -0.52 1.20
N TRP A 453 2.35 0.66 1.26
CA TRP A 453 2.35 1.60 0.14
C TRP A 453 3.28 2.76 0.46
N PHE A 454 4.15 3.08 -0.50
CA PHE A 454 5.08 4.20 -0.34
C PHE A 454 4.40 5.47 -0.85
N THR A 455 3.90 6.28 0.08
CA THR A 455 3.36 7.59 -0.26
C THR A 455 4.49 8.61 -0.28
N ASP A 456 4.31 9.65 -1.08
CA ASP A 456 5.39 10.56 -1.43
C ASP A 456 5.49 11.73 -0.44
N PHE A 457 5.77 11.39 0.82
CA PHE A 457 6.12 12.43 1.79
C PHE A 457 7.48 13.07 1.47
N PRO A 458 8.49 12.32 0.99
CA PRO A 458 9.74 12.98 0.58
C PRO A 458 9.61 13.90 -0.64
N GLU A 459 8.43 13.99 -1.25
CA GLU A 459 8.21 14.87 -2.41
C GLU A 459 9.17 14.55 -3.55
N MET A 460 9.31 13.25 -3.84
CA MET A 460 10.20 12.80 -4.90
C MET A 460 9.49 12.58 -6.22
N ARG A 461 8.16 12.68 -6.26
CA ARG A 461 7.38 12.43 -7.46
C ARG A 461 6.93 13.73 -8.10
N VAL A 462 7.01 13.80 -9.42
CA VAL A 462 6.58 14.96 -10.19
C VAL A 462 5.65 14.49 -11.28
N GLU A 463 4.47 15.12 -11.38
CA GLU A 463 3.48 14.70 -12.36
C GLU A 463 4.01 14.87 -13.77
N GLN A 464 3.99 13.78 -14.53
CA GLN A 464 4.45 13.78 -15.92
C GLN A 464 3.81 12.59 -16.63
N PRO A 465 3.75 12.63 -17.96
CA PRO A 465 3.12 11.52 -18.69
C PRO A 465 3.91 10.23 -18.55
N CYS A 466 3.23 9.13 -18.90
CA CYS A 466 3.85 7.80 -18.96
C CYS A 466 4.51 7.44 -17.63
N LEU A 467 3.82 7.74 -16.53
CA LEU A 467 4.35 7.51 -15.19
C LEU A 467 3.22 7.17 -14.25
N ALA A 468 3.55 6.42 -13.20
CA ALA A 468 2.62 6.12 -12.13
C ALA A 468 3.02 6.88 -10.86
N ASN A 469 2.02 7.14 -10.02
CA ASN A 469 2.25 7.72 -8.70
C ASN A 469 1.84 6.66 -7.68
N GLY A 470 2.83 5.93 -7.17
CA GLY A 470 2.57 4.93 -6.16
C GLY A 470 3.32 3.64 -6.40
N MET A 471 3.86 3.06 -5.33
CA MET A 471 4.47 1.74 -5.40
C MET A 471 4.24 1.02 -4.08
N MET A 472 4.36 -0.29 -4.12
CA MET A 472 4.29 -1.11 -2.93
C MET A 472 5.69 -1.42 -2.43
N SER A 473 5.80 -1.64 -1.12
CA SER A 473 7.03 -2.12 -0.53
C SER A 473 7.36 -3.52 -1.04
N LEU A 474 8.58 -3.95 -0.77
CA LEU A 474 8.83 -5.37 -0.99
C LEU A 474 8.22 -6.17 0.16
N PRO A 475 7.61 -7.32 -0.12
CA PRO A 475 6.88 -8.04 0.92
C PRO A 475 7.78 -8.46 2.08
N ARG A 476 7.33 -8.15 3.30
CA ARG A 476 8.10 -8.43 4.50
C ARG A 476 7.44 -9.53 5.33
N GLU A 477 8.26 -10.42 5.87
CA GLU A 477 7.79 -11.44 6.80
C GLU A 477 7.88 -10.91 8.21
N LEU A 478 6.88 -11.23 9.03
CA LEU A 478 6.79 -10.71 10.39
C LEU A 478 7.00 -11.81 11.41
N HIS A 479 7.75 -11.49 12.46
CA HIS A 479 7.91 -12.34 13.63
C HIS A 479 7.95 -11.45 14.87
N VAL A 480 7.68 -12.06 16.02
CA VAL A 480 7.79 -11.39 17.30
C VAL A 480 8.89 -12.09 18.09
N ARG A 481 9.96 -11.37 18.39
CA ARG A 481 11.11 -11.90 19.14
C ARG A 481 11.30 -11.05 20.37
N ASP A 482 11.20 -11.68 21.55
CA ASP A 482 11.32 -10.98 22.84
C ASP A 482 10.30 -9.85 22.93
N GLY A 483 9.07 -10.15 22.53
CA GLY A 483 7.97 -9.21 22.65
C GLY A 483 7.99 -8.05 21.71
N ARG A 484 8.85 -8.06 20.68
CA ARG A 484 8.95 -6.96 19.74
C ARG A 484 8.79 -7.48 18.31
N LEU A 485 8.19 -6.66 17.47
CA LEU A 485 7.94 -7.03 16.09
C LEU A 485 9.22 -6.95 15.27
N TYR A 486 9.50 -8.01 14.52
CA TYR A 486 10.58 -8.04 13.55
C TYR A 486 9.99 -8.11 12.15
N SER A 487 10.72 -7.54 11.19
CA SER A 487 10.28 -7.56 9.81
C SER A 487 11.51 -7.69 8.91
N LYS A 488 11.36 -8.46 7.83
CA LYS A 488 12.47 -8.84 6.97
C LYS A 488 11.87 -9.26 5.65
N PRO A 489 12.51 -8.98 4.51
CA PRO A 489 11.96 -9.41 3.23
C PRO A 489 11.76 -10.93 3.18
N VAL A 490 10.68 -11.35 2.55
CA VAL A 490 10.41 -12.77 2.44
C VAL A 490 11.51 -13.44 1.62
N SER A 491 11.66 -14.76 1.82
CA SER A 491 12.73 -15.49 1.17
C SER A 491 12.69 -15.33 -0.35
N GLU A 492 11.49 -15.19 -0.93
CA GLU A 492 11.39 -15.07 -2.38
C GLU A 492 12.04 -13.79 -2.89
N VAL A 493 12.01 -12.72 -2.10
CA VAL A 493 12.67 -11.47 -2.51
C VAL A 493 14.16 -11.70 -2.70
N TYR A 494 14.79 -12.36 -1.72
CA TYR A 494 16.21 -12.68 -1.85
C TYR A 494 16.47 -13.61 -3.03
N ARG A 495 15.61 -14.62 -3.22
CA ARG A 495 15.82 -15.60 -4.28
C ARG A 495 15.70 -14.97 -5.66
N GLU A 496 14.71 -14.10 -5.86
CA GLU A 496 14.42 -13.60 -7.20
C GLU A 496 15.18 -12.33 -7.56
N LEU A 497 15.48 -11.46 -6.58
CA LEU A 497 15.99 -10.12 -6.88
C LEU A 497 17.49 -9.99 -6.77
N LEU A 498 18.17 -10.85 -6.01
CA LEU A 498 19.61 -10.72 -5.81
C LEU A 498 20.36 -11.25 -7.03
N GLY A 499 21.13 -10.39 -7.67
CA GLY A 499 21.86 -10.71 -8.88
C GLY A 499 23.34 -10.95 -8.63
N GLU A 500 24.14 -10.64 -9.64
CA GLU A 500 25.58 -10.89 -9.60
C GLU A 500 26.24 -10.12 -8.46
N ARG A 501 27.24 -10.75 -7.85
CA ARG A 501 28.09 -10.06 -6.89
C ARG A 501 28.80 -8.89 -7.56
N LEU A 502 29.01 -7.83 -6.78
CA LEU A 502 29.65 -6.61 -7.24
C LEU A 502 30.98 -6.45 -6.51
N ALA A 503 32.01 -6.08 -7.27
CA ALA A 503 33.34 -5.93 -6.69
C ALA A 503 33.39 -4.75 -5.73
N VAL A 504 34.13 -4.92 -4.64
CA VAL A 504 34.33 -3.89 -3.65
C VAL A 504 35.78 -3.41 -3.77
N HIS A 505 35.97 -2.18 -4.24
CA HIS A 505 37.31 -1.64 -4.35
CA HIS A 505 37.27 -1.57 -4.42
C HIS A 505 37.50 -0.50 -3.36
N GLY A 506 38.76 -0.25 -3.03
CA GLY A 506 39.11 0.71 -1.99
C GLY A 506 39.42 2.08 -2.56
N ASP A 507 39.01 3.10 -1.81
CA ASP A 507 39.27 4.51 -2.14
C ASP A 507 39.76 5.22 -0.87
N GLY A 508 40.93 4.81 -0.41
CA GLY A 508 41.54 5.41 0.77
C GLY A 508 40.64 5.39 2.00
N GLY A 509 40.48 4.23 2.62
CA GLY A 509 39.58 4.07 3.74
C GLY A 509 38.12 3.91 3.37
N ASP A 510 37.71 4.37 2.20
CA ASP A 510 36.35 4.16 1.71
C ASP A 510 36.28 2.85 0.95
N MET A 511 35.20 2.09 1.19
CA MET A 511 34.86 0.95 0.36
C MET A 511 33.79 1.39 -0.64
N VAL A 512 34.04 1.13 -1.92
CA VAL A 512 33.22 1.66 -3.00
C VAL A 512 32.70 0.50 -3.84
N VAL A 513 31.41 0.53 -4.16
CA VAL A 513 30.76 -0.45 -5.02
C VAL A 513 29.98 0.32 -6.08
N THR A 514 30.27 0.07 -7.35
CA THR A 514 29.52 0.66 -8.45
C THR A 514 28.25 -0.15 -8.69
N ALA A 515 27.11 0.53 -8.73
CA ALA A 515 25.82 -0.14 -8.84
C ALA A 515 25.28 0.00 -10.25
N PRO A 516 25.25 -1.05 -11.06
CA PRO A 516 24.72 -0.94 -12.42
C PRO A 516 23.23 -0.64 -12.38
N GLY A 517 22.81 0.36 -13.17
CA GLY A 517 21.42 0.76 -13.19
C GLY A 517 20.89 1.34 -11.91
N ASN A 518 21.78 1.66 -10.96
CA ASN A 518 21.40 2.23 -9.66
C ASN A 518 20.37 1.38 -8.94
N ALA A 519 20.52 0.06 -9.05
CA ALA A 519 19.67 -0.89 -8.33
C ALA A 519 20.55 -1.99 -7.78
N TYR A 520 20.65 -2.09 -6.46
CA TYR A 520 21.59 -3.01 -5.84
C TYR A 520 21.07 -3.49 -4.50
N TYR A 521 21.72 -4.53 -3.98
CA TYR A 521 21.52 -5.04 -2.64
C TYR A 521 22.87 -5.02 -1.92
N ALA A 522 22.86 -4.70 -0.63
CA ALA A 522 24.10 -4.68 0.14
C ALA A 522 23.87 -5.26 1.53
N ASN A 523 24.77 -6.15 1.95
CA ASN A 523 24.77 -6.74 3.28
C ASN A 523 26.11 -6.39 3.94
N VAL A 524 26.08 -5.53 4.95
CA VAL A 524 27.29 -5.02 5.59
C VAL A 524 27.29 -5.47 7.05
N HIS A 525 28.42 -5.99 7.50
CA HIS A 525 28.60 -6.44 8.88
C HIS A 525 29.62 -5.54 9.58
N LEU A 526 29.18 -4.89 10.64
CA LEU A 526 30.03 -4.00 11.43
C LEU A 526 30.48 -4.72 12.69
N ALA A 527 31.72 -4.44 13.11
CA ALA A 527 32.34 -5.13 14.23
C ALA A 527 32.17 -4.40 15.56
N ASP A 528 31.65 -3.18 15.56
CA ASP A 528 31.64 -2.36 16.76
C ASP A 528 30.51 -1.33 16.65
N ASP A 529 30.48 -0.41 17.60
CA ASP A 529 29.46 0.64 17.64
C ASP A 529 30.02 2.01 17.28
N ALA A 530 31.13 2.04 16.54
CA ALA A 530 31.80 3.29 16.23
C ALA A 530 31.03 4.08 15.18
N ASP A 531 31.39 5.37 15.07
CA ASP A 531 30.77 6.24 14.05
C ASP A 531 31.03 5.69 12.66
N ALA A 532 30.01 5.75 11.82
CA ALA A 532 30.11 5.20 10.47
C ALA A 532 29.15 5.94 9.54
N ILE A 533 29.43 5.85 8.25
CA ILE A 533 28.63 6.52 7.23
C ILE A 533 28.55 5.62 6.00
N MET A 534 27.35 5.52 5.43
CA MET A 534 27.11 4.75 4.21
C MET A 534 26.37 5.63 3.23
N VAL A 535 27.06 6.05 2.16
CA VAL A 535 26.44 6.82 1.08
C VAL A 535 25.69 5.82 0.20
N LEU A 536 24.35 5.89 0.21
CA LEU A 536 23.54 4.93 -0.51
C LEU A 536 23.21 5.38 -1.92
N ALA A 537 22.94 6.68 -2.11
CA ALA A 537 22.56 7.18 -3.42
C ALA A 537 22.69 8.70 -3.44
N LYS A 538 22.86 9.23 -4.65
CA LYS A 538 22.88 10.67 -4.88
C LYS A 538 21.91 10.98 -6.02
N GLY A 539 21.50 12.23 -6.09
CA GLY A 539 20.58 12.65 -7.13
C GLY A 539 20.30 14.14 -7.12
N VAL A 540 19.05 14.51 -7.41
CA VAL A 540 18.66 15.90 -7.54
C VAL A 540 17.25 16.07 -6.99
N ASN A 541 17.04 17.13 -6.22
CA ASN A 541 15.72 17.50 -5.72
C ASN A 541 14.82 17.86 -6.89
N PRO A 542 13.76 17.07 -7.14
CA PRO A 542 12.94 17.30 -8.34
C PRO A 542 12.16 18.60 -8.34
N GLN A 543 12.17 19.36 -7.25
CA GLN A 543 11.41 20.61 -7.17
C GLN A 543 12.27 21.85 -7.38
N ASP A 544 13.48 21.87 -6.81
CA ASP A 544 14.36 23.02 -6.96
C ASP A 544 15.71 22.68 -7.58
N GLY A 545 15.93 21.43 -7.99
CA GLY A 545 17.17 21.05 -8.64
C GLY A 545 18.38 20.94 -7.73
N ARG A 546 18.19 21.04 -6.42
CA ARG A 546 19.31 20.95 -5.49
C ARG A 546 19.88 19.53 -5.51
N PRO A 547 21.19 19.40 -5.30
CA PRO A 547 21.78 18.05 -5.14
C PRO A 547 21.21 17.36 -3.91
N THR A 548 20.89 16.07 -4.06
CA THR A 548 20.43 15.27 -2.93
C THR A 548 21.44 14.17 -2.64
N GLU A 549 21.44 13.73 -1.38
CA GLU A 549 22.34 12.67 -0.93
C GLU A 549 21.60 11.84 0.10
N LEU A 550 21.67 10.52 -0.06
CA LEU A 550 20.99 9.57 0.82
C LEU A 550 22.04 8.79 1.61
N LEU A 551 21.99 8.89 2.93
CA LEU A 551 22.98 8.27 3.79
C LEU A 551 22.31 7.44 4.87
N LEU A 552 23.01 6.37 5.27
CA LEU A 552 22.84 5.78 6.60
C LEU A 552 24.06 6.17 7.41
N GLN A 553 23.84 6.84 8.54
CA GLN A 553 24.94 7.40 9.31
C GLN A 553 24.72 7.11 10.78
N ARG A 554 25.78 6.67 11.45
CA ARG A 554 25.77 6.45 12.89
C ARG A 554 26.69 7.45 13.56
N THR A 555 26.19 8.10 14.60
CA THR A 555 26.96 9.11 15.33
C THR A 555 26.63 8.98 16.81
N ASP A 556 27.66 8.69 17.61
CA ASP A 556 27.52 8.54 19.06
C ASP A 556 26.41 7.53 19.40
N GLY A 557 26.46 6.38 18.74
CA GLY A 557 25.56 5.29 19.02
C GLY A 557 24.19 5.37 18.37
N VAL A 558 23.85 6.49 17.75
CA VAL A 558 22.53 6.67 17.14
C VAL A 558 22.69 6.47 15.64
N THR A 559 21.93 5.52 15.09
CA THR A 559 21.92 5.22 13.67
C THR A 559 20.66 5.80 13.04
N ARG A 560 20.82 6.50 11.92
CA ARG A 560 19.68 7.12 11.28
C ARG A 560 19.91 7.22 9.78
N LEU A 561 18.80 7.22 9.04
CA LEU A 561 18.83 7.59 7.63
C LEU A 561 18.87 9.11 7.51
N VAL A 562 19.58 9.59 6.49
CA VAL A 562 19.69 11.02 6.22
C VAL A 562 19.37 11.27 4.75
N ALA A 563 18.48 12.22 4.49
CA ALA A 563 18.06 12.56 3.14
C ALA A 563 18.40 14.03 2.87
N LYS A 564 19.68 14.32 2.69
CA LYS A 564 20.12 15.69 2.50
C LYS A 564 19.64 16.25 1.17
N GLY A 565 19.26 17.53 1.18
CA GLY A 565 18.75 18.19 0.00
C GLY A 565 17.29 17.93 -0.32
N THR A 566 16.65 16.98 0.36
CA THR A 566 15.27 16.63 0.12
C THR A 566 14.34 17.48 0.99
N ALA A 567 13.04 17.36 0.73
CA ALA A 567 12.04 18.06 1.51
C ALA A 567 11.93 17.53 2.94
N VAL A 568 12.52 16.38 3.24
CA VAL A 568 12.46 15.80 4.58
C VAL A 568 13.87 15.76 5.16
N GLU A 569 14.74 16.68 4.70
CA GLU A 569 16.09 16.74 5.22
C GLU A 569 16.12 17.07 6.71
N ASP A 570 15.08 17.75 7.21
CA ASP A 570 15.01 18.20 8.60
C ASP A 570 14.44 17.14 9.54
N VAL A 571 14.20 15.94 9.05
CA VAL A 571 13.53 14.89 9.82
C VAL A 571 14.58 13.91 10.35
N ASP A 572 14.46 13.56 11.63
CA ASP A 572 15.42 12.68 12.30
C ASP A 572 14.95 11.23 12.13
N PHE A 573 15.50 10.54 11.13
CA PHE A 573 15.11 9.16 10.85
C PHE A 573 15.86 8.19 11.77
N ASP A 574 15.66 8.39 13.07
CA ASP A 574 16.28 7.55 14.09
C ASP A 574 15.81 6.10 13.95
N SER A 575 16.77 5.18 13.84
CA SER A 575 16.42 3.77 13.71
C SER A 575 15.71 3.23 14.94
N GLY A 576 15.94 3.84 16.10
CA GLY A 576 15.27 3.44 17.32
C GLY A 576 15.87 2.27 18.04
N ILE A 577 17.05 1.81 17.64
CA ILE A 577 17.73 0.71 18.31
C ILE A 577 19.19 1.07 18.52
N THR A 578 19.82 0.39 19.46
CA THR A 578 21.24 0.51 19.72
C THR A 578 21.97 -0.71 19.17
N ASP A 579 23.30 -0.58 19.07
CA ASP A 579 24.19 -1.69 18.74
C ASP A 579 23.82 -2.33 17.40
N VAL A 580 23.81 -1.49 16.36
CA VAL A 580 23.62 -1.99 15.00
C VAL A 580 24.90 -2.67 14.55
N ARG A 581 24.78 -3.91 14.07
CA ARG A 581 25.96 -4.65 13.62
C ARG A 581 25.77 -5.16 12.20
N GLN A 582 24.53 -5.40 11.79
CA GLN A 582 24.22 -5.82 10.43
C GLN A 582 23.36 -4.76 9.77
N VAL A 583 23.77 -4.31 8.58
CA VAL A 583 23.01 -3.37 7.77
C VAL A 583 22.72 -4.05 6.44
N GLU A 584 21.45 -4.22 6.12
CA GLU A 584 21.00 -4.80 4.86
C GLU A 584 20.23 -3.75 4.10
N VAL A 585 20.65 -3.47 2.85
CA VAL A 585 20.14 -2.35 2.08
C VAL A 585 19.60 -2.85 0.74
N PHE A 586 18.37 -2.48 0.42
CA PHE A 586 17.80 -2.63 -0.92
C PHE A 586 17.56 -1.22 -1.46
N PHE A 587 18.30 -0.84 -2.50
CA PHE A 587 18.04 0.40 -3.20
C PHE A 587 17.65 0.09 -4.64
N ASP A 588 16.46 0.54 -5.04
CA ASP A 588 15.86 0.18 -6.32
C ASP A 588 15.53 1.46 -7.09
N ARG A 589 16.58 2.11 -7.62
CA ARG A 589 16.48 3.28 -8.50
C ARG A 589 15.91 4.51 -7.80
N ASN A 590 14.72 4.41 -7.21
CA ASN A 590 14.12 5.59 -6.60
C ASN A 590 13.48 5.30 -5.24
N VAL A 591 13.92 4.25 -4.56
CA VAL A 591 13.38 3.91 -3.24
C VAL A 591 14.42 3.05 -2.52
N VAL A 592 14.55 3.28 -1.22
CA VAL A 592 15.47 2.54 -0.37
C VAL A 592 14.66 1.82 0.70
N GLU A 593 15.12 0.62 1.06
CA GLU A 593 14.56 -0.13 2.19
C GLU A 593 15.73 -0.75 2.94
N VAL A 594 15.84 -0.43 4.23
CA VAL A 594 16.99 -0.80 5.04
C VAL A 594 16.51 -1.66 6.21
N PHE A 595 17.23 -2.76 6.46
CA PHE A 595 16.92 -3.67 7.56
C PHE A 595 18.17 -3.83 8.43
N LEU A 596 18.01 -3.60 9.73
CA LEU A 596 19.13 -3.62 10.67
C LEU A 596 18.99 -4.80 11.61
N ASN A 597 20.15 -5.42 11.93
CA ASN A 597 20.21 -6.53 12.87
C ASN A 597 19.24 -7.64 12.49
N GLY A 598 19.14 -7.93 11.19
CA GLY A 598 18.27 -8.98 10.72
C GLY A 598 16.80 -8.69 10.83
N GLY A 599 16.42 -7.42 10.90
CA GLY A 599 15.03 -7.05 11.01
C GLY A 599 14.60 -6.53 12.35
N GLN A 600 15.54 -6.28 13.28
CA GLN A 600 15.19 -5.66 14.55
C GLN A 600 14.47 -4.34 14.32
N THR A 601 14.90 -3.59 13.31
CA THR A 601 14.20 -2.40 12.86
C THR A 601 14.35 -2.30 11.35
N ALA A 602 13.35 -1.70 10.70
CA ALA A 602 13.36 -1.50 9.26
C ALA A 602 13.10 -0.03 8.96
N GLY A 603 13.76 0.49 7.94
CA GLY A 603 13.59 1.88 7.55
C GLY A 603 13.64 2.09 6.05
N SER A 604 12.70 2.86 5.52
CA SER A 604 12.54 2.99 4.07
C SER A 604 11.90 4.32 3.73
N MET A 605 12.11 4.76 2.50
CA MET A 605 11.54 6.00 1.99
C MET A 605 11.85 6.12 0.50
N LEU A 606 11.06 6.95 -0.18
CA LEU A 606 11.34 7.29 -1.57
C LEU A 606 12.55 8.21 -1.65
N PHE A 607 13.43 7.93 -2.62
CA PHE A 607 14.57 8.81 -2.88
C PHE A 607 15.01 8.59 -4.32
N GLN A 608 14.77 9.56 -5.18
CA GLN A 608 15.09 9.45 -6.60
C GLN A 608 16.59 9.56 -6.81
N GLY A 609 17.26 8.43 -7.00
CA GLY A 609 18.65 8.45 -7.40
C GLY A 609 18.80 8.83 -8.86
N ALA A 610 20.01 9.26 -9.21
CA ALA A 610 20.29 9.66 -10.58
C ALA A 610 20.09 8.48 -11.53
N ASP A 611 19.70 8.79 -12.76
CA ASP A 611 19.55 7.76 -13.78
C ASP A 611 20.92 7.21 -14.16
N GLY A 612 20.94 5.97 -14.61
CA GLY A 612 22.18 5.31 -14.96
C GLY A 612 22.78 4.56 -13.78
N ASP A 613 24.09 4.64 -13.62
CA ASP A 613 24.76 3.88 -12.57
C ASP A 613 24.74 4.63 -11.25
N GLY A 614 24.71 3.85 -10.16
CA GLY A 614 24.81 4.38 -8.82
C GLY A 614 26.15 4.04 -8.18
N GLU A 615 26.22 4.26 -6.88
CA GLU A 615 27.44 4.00 -6.13
C GLU A 615 27.12 3.87 -4.65
N LEU A 616 27.72 2.86 -4.02
CA LEU A 616 27.62 2.64 -2.58
C LEU A 616 28.99 2.91 -1.96
N ARG A 617 29.01 3.73 -0.90
CA ARG A 617 30.25 4.14 -0.25
C ARG A 617 30.13 3.84 1.23
N ILE A 618 31.13 3.15 1.78
CA ILE A 618 31.09 2.68 3.17
C ILE A 618 32.37 3.10 3.86
N ALA A 619 32.23 3.69 5.05
CA ALA A 619 33.36 4.07 5.87
C ALA A 619 32.96 4.00 7.33
N SER A 620 33.92 3.64 8.18
CA SER A 620 33.68 3.50 9.61
C SER A 620 34.94 3.88 10.38
N SER A 621 34.73 4.57 11.51
CA SER A 621 35.81 4.81 12.46
C SER A 621 36.23 3.54 13.17
N GLY A 622 35.37 2.52 13.18
CA GLY A 622 35.67 1.18 13.67
C GLY A 622 36.09 0.26 12.55
N LYS A 623 35.73 -1.01 12.67
CA LYS A 623 36.11 -2.01 11.69
C LYS A 623 34.88 -2.52 10.95
N ILE A 624 35.04 -2.72 9.64
CA ILE A 624 34.02 -3.34 8.80
C ILE A 624 34.43 -4.81 8.62
N ASP A 625 33.57 -5.73 9.06
CA ASP A 625 33.90 -7.15 8.99
C ASP A 625 33.75 -7.70 7.57
N ALA A 626 32.65 -7.39 6.91
CA ALA A 626 32.39 -7.96 5.59
C ALA A 626 31.42 -7.08 4.83
N VAL A 627 31.50 -7.16 3.50
CA VAL A 627 30.61 -6.44 2.60
C VAL A 627 30.16 -7.39 1.50
N ASP A 628 28.85 -7.60 1.39
CA ASP A 628 28.25 -8.46 0.38
C ASP A 628 27.31 -7.58 -0.45
N ALA A 629 27.78 -7.14 -1.60
CA ALA A 629 27.01 -6.26 -2.48
C ALA A 629 26.70 -6.98 -3.78
N ARG A 630 25.45 -6.85 -4.24
CA ARG A 630 24.99 -7.55 -5.43
C ARG A 630 24.06 -6.63 -6.23
N ALA A 631 24.11 -6.78 -7.55
CA ALA A 631 23.18 -6.08 -8.42
C ALA A 631 21.75 -6.57 -8.17
N LEU A 632 20.80 -5.65 -8.30
CA LEU A 632 19.39 -5.96 -8.08
C LEU A 632 18.71 -6.20 -9.43
N ASN A 633 17.97 -7.30 -9.52
CA ASN A 633 17.24 -7.63 -10.72
C ASN A 633 15.99 -6.77 -10.85
N GLY A 634 15.42 -6.75 -12.05
CA GLY A 634 14.13 -6.17 -12.29
C GLY A 634 13.06 -7.24 -12.42
N ILE A 635 11.79 -6.83 -12.26
CA ILE A 635 10.67 -7.75 -12.26
C ILE A 635 9.85 -7.69 -13.54
N TRP A 636 10.19 -6.81 -14.47
CA TRP A 636 9.46 -6.73 -15.73
C TRP A 636 10.25 -7.28 -16.91
N ARG A 637 11.56 -7.03 -16.97
CA ARG A 637 12.41 -7.59 -18.02
C ARG A 637 13.50 -8.47 -17.41
#